data_6IFD
#
_entry.id   6IFD
#
_cell.length_a   93.380
_cell.length_b   97.720
_cell.length_c   98.760
_cell.angle_alpha   90.000
_cell.angle_beta   90.000
_cell.angle_gamma   90.000
#
_symmetry.space_group_name_H-M   'P 21 21 21'
#
loop_
_entity.id
_entity.type
_entity.pdbx_description
1 polymer 'CMP-N-acetylneuraminate Synthetase'
2 non-polymer "CYTIDINE-5'-DIPHOSPHATE"
3 non-polymer 'TRIETHYLENE GLYCOL'
4 non-polymer 1,2-ETHANEDIOL
5 non-polymer 'CALCIUM ION'
6 non-polymer 'MAGNESIUM ION'
7 non-polymer 'TETRAETHYLENE GLYCOL'
8 water water
#
_entity_poly.entity_id   1
_entity_poly.type   'polypeptide(L)'
_entity_poly.pdbx_seq_one_letter_code
;MHHHHHHITSLYKKAGFMSNEYVALITARGGSKGLLRKNVLPLHGIPLIGWTIKAAQGCSYISKVFVSTDDYEIAKISEG
LGALVINRPEELATDTASSIDVILHAISWLEQKEVQKYEGMILLQPTSPLRTSHHIKEAIELYEKTAAKFVISVFEPTHT
PIKSYLENDDGTISGLYSNEAPYQRRQDLPRAYQPNGAIYAFSIDEFKLNNHFPRNKVFPYVMSEVESADIDTLEDLRKV
EEQLKIKEINK
;
_entity_poly.pdbx_strand_id   A,B,C,D
#
# COMPACT_ATOMS: atom_id res chain seq x y z
N ASN A 20 9.51 -14.20 30.09
CA ASN A 20 8.62 -14.01 28.95
C ASN A 20 8.00 -15.33 28.53
N GLU A 21 6.66 -15.37 28.44
CA GLU A 21 5.91 -16.51 27.99
C GLU A 21 5.39 -16.27 26.59
N TYR A 22 5.45 -17.32 25.75
CA TYR A 22 5.09 -17.26 24.34
C TYR A 22 4.07 -18.26 23.95
N VAL A 23 3.13 -17.81 23.13
CA VAL A 23 2.09 -18.64 22.58
C VAL A 23 2.29 -18.71 21.05
N ALA A 24 2.17 -19.92 20.46
CA ALA A 24 2.27 -20.05 19.02
C ALA A 24 0.86 -20.02 18.44
N LEU A 25 0.70 -19.28 17.35
CA LEU A 25 -0.56 -19.20 16.60
C LEU A 25 -0.26 -19.62 15.17
N ILE A 26 -0.97 -20.64 14.72
CA ILE A 26 -0.85 -21.18 13.37
C ILE A 26 -2.16 -20.87 12.67
N THR A 27 -2.09 -20.09 11.62
CA THR A 27 -3.31 -19.69 10.91
C THR A 27 -3.47 -20.54 9.69
N ALA A 28 -4.53 -21.37 9.68
CA ALA A 28 -4.78 -22.27 8.57
C ALA A 28 -6.26 -22.30 8.18
N ARG A 29 -6.58 -21.74 7.03
CA ARG A 29 -7.96 -21.72 6.56
C ARG A 29 -8.21 -22.91 5.64
N GLY A 30 -9.48 -23.30 5.53
CA GLY A 30 -9.89 -24.40 4.66
C GLY A 30 -9.80 -24.07 3.19
N GLY A 31 -10.24 -22.86 2.84
CA GLY A 31 -10.24 -22.35 1.47
C GLY A 31 -8.86 -21.98 0.97
N SER A 32 -8.75 -21.81 -0.35
CA SER A 32 -7.52 -21.43 -1.04
C SER A 32 -7.85 -20.93 -2.43
N LYS A 33 -7.01 -20.02 -2.96
CA LYS A 33 -7.14 -19.47 -4.31
C LYS A 33 -6.57 -20.47 -5.33
N GLY A 34 -5.65 -21.32 -4.86
CA GLY A 34 -4.96 -22.31 -5.66
C GLY A 34 -5.18 -23.75 -5.22
N LEU A 35 -4.10 -24.38 -4.70
CA LEU A 35 -4.01 -25.78 -4.24
C LEU A 35 -5.03 -26.18 -3.18
N LEU A 36 -5.95 -27.11 -3.56
CA LEU A 36 -7.02 -27.64 -2.71
C LEU A 36 -6.45 -28.47 -1.55
N ARG A 37 -6.98 -28.24 -0.31
CA ARG A 37 -6.61 -28.93 0.92
C ARG A 37 -5.11 -28.83 1.25
N LYS A 38 -4.52 -27.74 0.84
CA LYS A 38 -3.12 -27.38 0.95
C LYS A 38 -2.52 -27.72 2.31
N ASN A 39 -3.14 -27.21 3.40
CA ASN A 39 -2.70 -27.35 4.79
C ASN A 39 -2.66 -28.76 5.33
N VAL A 40 -3.35 -29.69 4.67
CA VAL A 40 -3.48 -31.08 5.13
C VAL A 40 -2.82 -32.09 4.20
N LEU A 41 -2.27 -31.63 3.06
CA LEU A 41 -1.63 -32.51 2.10
C LEU A 41 -0.38 -33.20 2.66
N PRO A 42 -0.19 -34.52 2.35
CA PRO A 42 1.01 -35.21 2.84
C PRO A 42 2.33 -34.65 2.31
N LEU A 43 3.26 -34.49 3.24
CA LEU A 43 4.61 -34.07 2.93
C LEU A 43 5.50 -34.86 3.82
N HIS A 44 6.26 -35.79 3.23
CA HIS A 44 7.24 -36.65 3.86
C HIS A 44 6.69 -37.36 5.12
N GLY A 45 5.48 -37.96 5.00
CA GLY A 45 4.84 -38.73 6.06
C GLY A 45 3.90 -38.03 7.03
N ILE A 46 3.81 -36.69 7.00
CA ILE A 46 2.98 -35.87 7.90
C ILE A 46 2.09 -34.90 7.09
N PRO A 47 0.82 -34.60 7.49
CA PRO A 47 0.07 -33.53 6.80
C PRO A 47 0.89 -32.23 6.89
N LEU A 48 0.93 -31.42 5.82
CA LEU A 48 1.70 -30.17 5.77
C LEU A 48 1.73 -29.37 7.09
N ILE A 49 0.55 -29.08 7.66
CA ILE A 49 0.40 -28.32 8.91
C ILE A 49 1.17 -28.94 10.10
N GLY A 50 1.29 -30.27 10.10
CA GLY A 50 1.98 -31.01 11.15
C GLY A 50 3.44 -30.63 11.31
N TRP A 51 4.12 -30.28 10.21
CA TRP A 51 5.49 -29.79 10.24
C TRP A 51 5.61 -28.53 11.07
N THR A 52 4.64 -27.61 10.94
CA THR A 52 4.62 -26.34 11.66
C THR A 52 4.16 -26.55 13.12
N ILE A 53 3.14 -27.39 13.35
CA ILE A 53 2.69 -27.71 14.71
C ILE A 53 3.90 -28.24 15.52
N LYS A 54 4.60 -29.22 14.98
CA LYS A 54 5.75 -29.90 15.59
C LYS A 54 6.94 -29.01 15.74
N ALA A 55 7.17 -28.08 14.80
CA ALA A 55 8.25 -27.10 14.92
C ALA A 55 7.98 -26.15 16.08
N ALA A 56 6.69 -25.75 16.31
CA ALA A 56 6.27 -24.88 17.41
C ALA A 56 6.39 -25.65 18.74
N GLN A 57 5.89 -26.91 18.78
CA GLN A 57 5.92 -27.77 19.96
C GLN A 57 7.39 -28.10 20.35
N GLY A 58 8.24 -28.31 19.36
CA GLY A 58 9.66 -28.62 19.59
C GLY A 58 10.49 -27.49 20.14
N CYS A 59 9.97 -26.25 20.06
CA CYS A 59 10.69 -25.09 20.57
C CYS A 59 10.40 -24.89 22.07
N SER A 60 11.46 -24.85 22.88
CA SER A 60 11.35 -24.71 24.34
C SER A 60 10.63 -23.47 24.82
N TYR A 61 10.76 -22.35 24.08
CA TYR A 61 10.12 -21.07 24.41
C TYR A 61 8.60 -21.07 24.24
N ILE A 62 8.03 -22.05 23.52
CA ILE A 62 6.58 -22.11 23.26
C ILE A 62 5.83 -22.86 24.37
N SER A 63 4.85 -22.20 25.02
CA SER A 63 4.05 -22.78 26.11
C SER A 63 2.85 -23.54 25.56
N LYS A 64 2.14 -22.93 24.58
CA LYS A 64 0.97 -23.51 23.94
C LYS A 64 0.96 -23.24 22.44
N VAL A 65 0.39 -24.17 21.69
CA VAL A 65 0.27 -24.10 20.24
C VAL A 65 -1.22 -24.05 19.90
N PHE A 66 -1.64 -23.01 19.20
CA PHE A 66 -3.02 -22.83 18.76
C PHE A 66 -3.07 -22.80 17.27
N VAL A 67 -4.06 -23.46 16.70
CA VAL A 67 -4.34 -23.47 15.28
C VAL A 67 -5.68 -22.73 15.10
N SER A 68 -5.70 -21.68 14.27
CA SER A 68 -6.91 -20.92 13.99
C SER A 68 -7.37 -21.37 12.66
N THR A 69 -8.55 -21.98 12.64
CA THR A 69 -9.13 -22.55 11.44
C THR A 69 -10.64 -22.49 11.44
N ASP A 70 -11.22 -22.54 10.25
CA ASP A 70 -12.66 -22.62 9.99
C ASP A 70 -12.98 -24.05 9.48
N ASP A 71 -11.94 -24.90 9.33
CA ASP A 71 -12.03 -26.23 8.72
C ASP A 71 -12.03 -27.41 9.67
N TYR A 72 -12.97 -28.36 9.44
CA TYR A 72 -13.13 -29.60 10.22
C TYR A 72 -11.86 -30.50 10.15
N GLU A 73 -11.36 -30.73 8.93
CA GLU A 73 -10.19 -31.57 8.67
C GLU A 73 -8.93 -31.03 9.37
N ILE A 74 -8.59 -29.74 9.16
CA ILE A 74 -7.47 -29.04 9.78
C ILE A 74 -7.57 -29.16 11.30
N ALA A 75 -8.77 -28.94 11.86
CA ALA A 75 -9.02 -29.02 13.31
C ALA A 75 -8.76 -30.41 13.85
N LYS A 76 -9.21 -31.47 13.09
CA LYS A 76 -9.04 -32.89 13.44
C LYS A 76 -7.55 -33.28 13.45
N ILE A 77 -6.82 -32.88 12.39
CA ILE A 77 -5.38 -33.09 12.29
C ILE A 77 -4.64 -32.37 13.42
N SER A 78 -4.97 -31.08 13.66
CA SER A 78 -4.38 -30.26 14.71
C SER A 78 -4.57 -30.84 16.10
N GLU A 79 -5.83 -31.16 16.48
CA GLU A 79 -6.16 -31.76 17.78
C GLU A 79 -5.43 -33.09 17.94
N GLY A 80 -5.36 -33.84 16.84
CA GLY A 80 -4.69 -35.14 16.76
C GLY A 80 -3.19 -35.04 17.04
N LEU A 81 -2.59 -33.89 16.61
CA LEU A 81 -1.16 -33.64 16.87
C LEU A 81 -0.93 -32.97 18.24
N GLY A 82 -1.99 -32.71 18.98
CA GLY A 82 -1.90 -32.11 20.30
C GLY A 82 -2.08 -30.60 20.37
N ALA A 83 -2.27 -29.93 19.22
CA ALA A 83 -2.47 -28.48 19.22
C ALA A 83 -3.91 -28.11 19.64
N LEU A 84 -4.10 -26.91 20.20
CA LEU A 84 -5.41 -26.43 20.61
C LEU A 84 -6.06 -25.74 19.41
N VAL A 85 -7.37 -25.88 19.24
CA VAL A 85 -8.06 -25.28 18.10
C VAL A 85 -8.85 -24.03 18.48
N ILE A 86 -8.62 -22.97 17.71
CA ILE A 86 -9.35 -21.71 17.79
C ILE A 86 -10.30 -21.80 16.58
N ASN A 87 -11.60 -21.90 16.87
CA ASN A 87 -12.64 -21.96 15.86
C ASN A 87 -12.81 -20.57 15.27
N ARG A 88 -12.39 -20.43 14.02
CA ARG A 88 -12.41 -19.15 13.34
C ARG A 88 -13.73 -18.86 12.62
N PRO A 89 -14.29 -17.64 12.80
CA PRO A 89 -15.54 -17.29 12.10
C PRO A 89 -15.34 -17.18 10.60
N GLU A 90 -16.41 -17.51 9.84
CA GLU A 90 -16.48 -17.52 8.37
C GLU A 90 -15.86 -16.29 7.70
N GLU A 91 -16.25 -15.06 8.11
CA GLU A 91 -15.73 -13.83 7.50
C GLU A 91 -14.22 -13.69 7.61
N LEU A 92 -13.63 -14.25 8.70
CA LEU A 92 -12.18 -14.21 8.92
C LEU A 92 -11.41 -15.28 8.13
N ALA A 93 -12.13 -16.13 7.38
CA ALA A 93 -11.56 -17.19 6.57
C ALA A 93 -11.74 -16.96 5.06
N THR A 94 -12.26 -15.77 4.69
CA THR A 94 -12.49 -15.39 3.30
C THR A 94 -11.17 -14.93 2.65
N ASP A 95 -11.17 -14.80 1.30
CA ASP A 95 -10.04 -14.32 0.52
C ASP A 95 -9.78 -12.83 0.81
N THR A 96 -10.81 -12.11 1.28
CA THR A 96 -10.77 -10.67 1.59
C THR A 96 -10.35 -10.39 3.04
N ALA A 97 -10.48 -11.39 3.94
CA ALA A 97 -10.12 -11.32 5.36
C ALA A 97 -8.70 -10.84 5.60
N SER A 98 -8.57 -9.85 6.50
CA SER A 98 -7.33 -9.18 6.86
C SER A 98 -6.53 -9.95 7.90
N SER A 99 -5.20 -9.91 7.74
CA SER A 99 -4.22 -10.53 8.63
C SER A 99 -4.39 -10.00 10.07
N ILE A 100 -4.61 -8.67 10.20
CA ILE A 100 -4.85 -7.96 11.47
C ILE A 100 -6.07 -8.52 12.19
N ASP A 101 -7.18 -8.67 11.45
CA ASP A 101 -8.46 -9.18 11.98
C ASP A 101 -8.35 -10.62 12.50
N VAL A 102 -7.61 -11.51 11.78
CA VAL A 102 -7.36 -12.90 12.20
C VAL A 102 -6.58 -12.94 13.54
N ILE A 103 -5.55 -12.09 13.66
CA ILE A 103 -4.72 -11.96 14.87
C ILE A 103 -5.52 -11.40 16.03
N LEU A 104 -6.32 -10.33 15.77
CA LEU A 104 -7.15 -9.70 16.81
C LEU A 104 -8.16 -10.68 17.32
N HIS A 105 -8.72 -11.50 16.42
CA HIS A 105 -9.67 -12.53 16.85
C HIS A 105 -8.99 -13.55 17.76
N ALA A 106 -7.76 -14.04 17.37
CA ALA A 106 -7.01 -14.99 18.18
C ALA A 106 -6.63 -14.39 19.53
N ILE A 107 -6.23 -13.11 19.56
CA ILE A 107 -5.91 -12.39 20.80
C ILE A 107 -7.15 -12.35 21.72
N SER A 108 -8.32 -12.02 21.13
CA SER A 108 -9.60 -11.96 21.83
C SER A 108 -9.97 -13.35 22.39
N TRP A 109 -9.92 -14.40 21.53
CA TRP A 109 -10.16 -15.80 21.93
C TRP A 109 -9.25 -16.16 23.13
N LEU A 110 -7.91 -15.91 23.01
CA LEU A 110 -6.94 -16.20 24.07
C LEU A 110 -7.24 -15.50 25.39
N GLU A 111 -7.65 -14.23 25.32
CA GLU A 111 -7.98 -13.44 26.50
C GLU A 111 -9.24 -13.94 27.23
N GLN A 112 -10.19 -14.54 26.48
CA GLN A 112 -11.42 -15.10 27.04
C GLN A 112 -11.28 -16.57 27.48
N LYS A 113 -10.66 -17.42 26.63
CA LYS A 113 -10.51 -18.86 26.80
C LYS A 113 -9.19 -19.35 27.46
N GLU A 114 -8.22 -18.45 27.78
CA GLU A 114 -6.93 -18.85 28.36
C GLU A 114 -6.56 -18.06 29.60
N VAL A 115 -6.39 -18.76 30.72
CA VAL A 115 -5.99 -18.19 32.01
C VAL A 115 -4.53 -17.67 31.98
N GLN A 116 -3.66 -18.29 31.16
CA GLN A 116 -2.27 -17.90 31.08
C GLN A 116 -2.09 -16.59 30.30
N LYS A 117 -1.26 -15.71 30.84
CA LYS A 117 -0.95 -14.44 30.20
C LYS A 117 0.34 -14.61 29.42
N TYR A 118 0.29 -14.29 28.12
CA TYR A 118 1.47 -14.40 27.27
C TYR A 118 1.96 -13.02 26.89
N GLU A 119 3.29 -12.81 26.93
CA GLU A 119 3.90 -11.55 26.52
C GLU A 119 3.95 -11.48 25.00
N GLY A 120 4.37 -12.57 24.36
CA GLY A 120 4.52 -12.61 22.92
C GLY A 120 3.74 -13.69 22.20
N MET A 121 3.45 -13.41 20.95
CA MET A 121 2.75 -14.34 20.07
C MET A 121 3.73 -14.65 18.94
N ILE A 122 3.79 -15.94 18.59
CA ILE A 122 4.66 -16.43 17.53
C ILE A 122 3.74 -16.92 16.45
N LEU A 123 3.54 -16.08 15.44
CA LEU A 123 2.62 -16.39 14.33
C LEU A 123 3.41 -17.17 13.31
N LEU A 124 2.95 -18.38 12.99
CA LEU A 124 3.65 -19.29 12.09
C LEU A 124 2.74 -19.76 10.94
N GLN A 125 3.17 -19.61 9.68
CA GLN A 125 2.34 -20.08 8.55
C GLN A 125 2.54 -21.58 8.24
N PRO A 126 1.45 -22.36 8.06
CA PRO A 126 1.61 -23.81 7.75
C PRO A 126 2.27 -24.05 6.39
N THR A 127 2.37 -22.99 5.57
CA THR A 127 2.93 -23.04 4.23
C THR A 127 4.46 -22.94 4.22
N SER A 128 5.11 -22.91 5.41
CA SER A 128 6.57 -22.86 5.57
C SER A 128 7.08 -24.13 6.29
N PRO A 129 7.00 -25.32 5.67
CA PRO A 129 7.39 -26.56 6.38
C PRO A 129 8.89 -26.77 6.60
N LEU A 130 9.76 -25.96 5.93
CA LEU A 130 11.21 -26.06 6.14
C LEU A 130 11.66 -25.20 7.32
N ARG A 131 10.70 -24.45 7.95
CA ARG A 131 11.01 -23.65 9.13
C ARG A 131 10.89 -24.57 10.36
N THR A 132 12.02 -24.81 11.02
CA THR A 132 12.12 -25.77 12.10
C THR A 132 12.00 -25.15 13.49
N SER A 133 11.97 -25.98 14.55
CA SER A 133 12.02 -25.55 15.96
C SER A 133 13.25 -24.72 16.19
N HIS A 134 14.36 -25.11 15.51
CA HIS A 134 15.64 -24.40 15.63
C HIS A 134 15.52 -22.95 15.14
N HIS A 135 14.83 -22.74 14.02
CA HIS A 135 14.57 -21.41 13.46
C HIS A 135 13.73 -20.57 14.40
N ILE A 136 12.70 -21.17 15.05
CA ILE A 136 11.81 -20.50 16.02
C ILE A 136 12.60 -20.07 17.27
N LYS A 137 13.39 -20.98 17.83
CA LYS A 137 14.27 -20.74 18.98
C LYS A 137 15.18 -19.52 18.73
N GLU A 138 15.82 -19.50 17.52
CA GLU A 138 16.74 -18.43 17.12
C GLU A 138 16.04 -17.08 16.94
N ALA A 139 14.80 -17.07 16.40
CA ALA A 139 14.03 -15.84 16.22
C ALA A 139 13.61 -15.28 17.56
N ILE A 140 13.23 -16.16 18.52
CA ILE A 140 12.85 -15.71 19.87
C ILE A 140 14.09 -15.20 20.63
N GLU A 141 15.24 -15.86 20.46
CA GLU A 141 16.50 -15.42 21.07
C GLU A 141 16.89 -14.04 20.60
N LEU A 142 16.74 -13.77 19.28
CA LEU A 142 17.02 -12.47 18.68
C LEU A 142 16.05 -11.44 19.25
N TYR A 143 14.76 -11.81 19.34
CA TYR A 143 13.66 -11.00 19.88
C TYR A 143 14.00 -10.54 21.31
N GLU A 144 14.51 -11.44 22.15
CA GLU A 144 14.89 -11.11 23.52
C GLU A 144 16.18 -10.30 23.61
N LYS A 145 17.22 -10.72 22.87
CA LYS A 145 18.54 -10.08 22.85
C LYS A 145 18.50 -8.60 22.42
N THR A 146 17.68 -8.28 21.42
CA THR A 146 17.57 -6.94 20.85
C THR A 146 16.51 -6.10 21.53
N ALA A 147 15.70 -6.69 22.43
CA ALA A 147 14.54 -6.03 23.08
C ALA A 147 13.59 -5.50 21.97
N ALA A 148 13.42 -6.31 20.91
CA ALA A 148 12.61 -6.01 19.73
C ALA A 148 11.13 -5.90 20.10
N LYS A 149 10.39 -5.14 19.30
CA LYS A 149 8.95 -5.08 19.42
C LYS A 149 8.39 -6.14 18.46
N PHE A 150 9.19 -6.48 17.42
CA PHE A 150 8.81 -7.38 16.36
C PHE A 150 10.01 -8.03 15.70
N VAL A 151 9.96 -9.35 15.52
CA VAL A 151 10.97 -10.14 14.80
C VAL A 151 10.27 -10.89 13.68
N ILE A 152 10.74 -10.66 12.45
CA ILE A 152 10.16 -11.30 11.28
C ILE A 152 11.22 -12.10 10.53
N SER A 153 10.90 -13.37 10.17
CA SER A 153 11.82 -14.19 9.38
C SER A 153 11.83 -13.70 7.92
N VAL A 154 13.04 -13.52 7.39
CA VAL A 154 13.28 -12.99 6.03
C VAL A 154 14.33 -13.78 5.29
N PHE A 155 14.52 -13.44 4.01
CA PHE A 155 15.62 -13.95 3.21
C PHE A 155 16.06 -12.84 2.22
N GLU A 156 17.29 -12.92 1.71
CA GLU A 156 17.82 -12.01 0.69
C GLU A 156 17.57 -12.67 -0.67
N PRO A 157 16.66 -12.18 -1.51
CA PRO A 157 16.39 -12.89 -2.76
C PRO A 157 17.54 -12.75 -3.77
N THR A 158 17.69 -13.74 -4.67
CA THR A 158 18.70 -13.74 -5.73
C THR A 158 18.52 -12.48 -6.60
N HIS A 159 17.26 -12.17 -6.97
CA HIS A 159 16.87 -10.95 -7.67
C HIS A 159 16.39 -9.99 -6.58
N THR A 160 17.19 -8.95 -6.27
CA THR A 160 16.85 -7.97 -5.25
C THR A 160 15.55 -7.20 -5.59
N PRO A 161 14.66 -7.01 -4.60
CA PRO A 161 13.39 -6.30 -4.86
C PRO A 161 13.54 -4.84 -5.34
N ILE A 162 14.64 -4.16 -4.92
CA ILE A 162 14.98 -2.78 -5.27
C ILE A 162 15.10 -2.55 -6.80
N LYS A 163 15.40 -3.62 -7.60
CA LYS A 163 15.58 -3.54 -9.08
C LYS A 163 14.28 -3.76 -9.90
N SER A 164 13.15 -3.98 -9.22
CA SER A 164 11.86 -4.23 -9.87
C SER A 164 11.16 -2.96 -10.41
N TYR A 165 10.04 -3.14 -11.11
CA TYR A 165 9.19 -2.03 -11.58
C TYR A 165 7.92 -1.99 -10.79
N LEU A 166 7.46 -0.78 -10.59
CA LEU A 166 6.22 -0.54 -9.91
C LEU A 166 5.25 0.00 -10.91
N GLU A 167 4.06 -0.55 -10.87
CA GLU A 167 2.97 -0.10 -11.68
C GLU A 167 2.43 1.23 -11.10
N ASN A 168 2.43 2.27 -11.92
CA ASN A 168 1.89 3.60 -11.60
C ASN A 168 0.36 3.56 -11.77
N ASP A 169 -0.34 4.60 -11.32
CA ASP A 169 -1.81 4.73 -11.35
C ASP A 169 -2.38 4.71 -12.77
N ASP A 170 -1.65 5.30 -13.75
CA ASP A 170 -2.11 5.36 -15.14
C ASP A 170 -1.87 4.05 -15.93
N GLY A 171 -1.36 3.02 -15.25
CA GLY A 171 -1.09 1.74 -15.88
C GLY A 171 0.33 1.55 -16.36
N THR A 172 1.11 2.64 -16.42
CA THR A 172 2.52 2.58 -16.84
C THR A 172 3.40 1.94 -15.75
N ILE A 173 4.65 1.67 -16.07
CA ILE A 173 5.62 1.13 -15.12
C ILE A 173 6.88 1.98 -15.10
N SER A 174 7.51 2.06 -13.94
CA SER A 174 8.78 2.75 -13.69
C SER A 174 9.43 1.99 -12.54
N GLY A 175 10.75 2.14 -12.37
CA GLY A 175 11.48 1.53 -11.27
C GLY A 175 10.81 1.76 -9.91
N LEU A 176 10.75 0.71 -9.07
CA LEU A 176 10.12 0.77 -7.74
C LEU A 176 10.86 1.72 -6.81
N TYR A 177 12.19 1.55 -6.68
CA TYR A 177 13.01 2.37 -5.78
C TYR A 177 13.38 3.72 -6.41
N SER A 178 13.99 3.66 -7.60
CA SER A 178 14.40 4.80 -8.44
C SER A 178 14.54 4.29 -9.88
N ASN A 179 14.95 5.15 -10.84
CA ASN A 179 15.18 4.65 -12.20
C ASN A 179 16.62 4.05 -12.27
N GLU A 180 16.73 2.72 -12.01
CA GLU A 180 17.98 1.95 -11.99
C GLU A 180 17.75 0.46 -12.30
N PRO A 190 21.62 -0.59 -1.41
CA PRO A 190 20.96 -0.81 -0.11
C PRO A 190 20.54 -2.28 0.11
N ARG A 191 20.68 -2.80 1.36
CA ARG A 191 20.36 -4.18 1.71
C ARG A 191 18.84 -4.45 1.83
N ALA A 192 18.31 -5.36 1.00
CA ALA A 192 16.88 -5.66 0.91
C ALA A 192 16.56 -7.04 1.42
N TYR A 193 15.46 -7.17 2.14
CA TYR A 193 14.98 -8.45 2.69
C TYR A 193 13.54 -8.65 2.32
N GLN A 194 13.21 -9.89 2.02
CA GLN A 194 11.88 -10.27 1.65
C GLN A 194 11.34 -11.16 2.76
N PRO A 195 10.16 -10.84 3.35
CA PRO A 195 9.63 -11.72 4.40
C PRO A 195 9.27 -13.06 3.77
N ASN A 196 9.54 -14.17 4.47
CA ASN A 196 9.22 -15.48 3.91
C ASN A 196 7.90 -16.05 4.46
N GLY A 197 7.29 -15.35 5.42
CA GLY A 197 6.02 -15.72 6.04
C GLY A 197 6.10 -16.81 7.08
N ALA A 198 7.31 -17.26 7.41
CA ALA A 198 7.49 -18.36 8.34
C ALA A 198 7.29 -18.00 9.82
N ILE A 199 7.82 -16.88 10.27
CA ILE A 199 7.78 -16.48 11.68
C ILE A 199 7.51 -15.00 11.78
N TYR A 200 6.60 -14.65 12.71
CA TYR A 200 6.22 -13.28 13.12
C TYR A 200 6.18 -13.34 14.65
N ALA A 201 7.18 -12.78 15.31
CA ALA A 201 7.28 -12.77 16.79
C ALA A 201 7.05 -11.35 17.27
N PHE A 202 5.93 -11.11 17.94
CA PHE A 202 5.59 -9.75 18.40
C PHE A 202 4.96 -9.74 19.79
N SER A 203 4.96 -8.56 20.44
CA SER A 203 4.33 -8.38 21.74
C SER A 203 2.81 -8.31 21.51
N ILE A 204 2.01 -9.05 22.33
CA ILE A 204 0.53 -9.08 22.24
C ILE A 204 -0.06 -7.71 22.69
N ASP A 205 0.33 -7.21 23.88
CA ASP A 205 -0.10 -5.93 24.44
C ASP A 205 0.14 -4.77 23.46
N GLU A 206 1.37 -4.69 22.87
CA GLU A 206 1.77 -3.70 21.87
C GLU A 206 0.87 -3.80 20.64
N PHE A 207 0.54 -5.05 20.17
CA PHE A 207 -0.28 -5.25 18.97
C PHE A 207 -1.69 -4.76 19.23
N LYS A 208 -2.21 -5.00 20.44
CA LYS A 208 -3.55 -4.56 20.84
C LYS A 208 -3.66 -3.04 20.89
N LEU A 209 -2.61 -2.31 21.38
CA LEU A 209 -2.67 -0.85 21.46
C LEU A 209 -2.50 -0.17 20.07
N ASN A 210 -1.85 -0.85 19.12
CA ASN A 210 -1.70 -0.30 17.76
C ASN A 210 -2.75 -0.79 16.77
N ASN A 211 -3.32 -2.01 17.00
CA ASN A 211 -4.23 -2.73 16.09
C ASN A 211 -3.53 -3.02 14.74
N HIS A 212 -2.19 -3.13 14.78
CA HIS A 212 -1.32 -3.42 13.67
C HIS A 212 0.05 -3.88 14.19
N PHE A 213 0.83 -4.46 13.28
CA PHE A 213 2.16 -4.93 13.57
C PHE A 213 3.06 -3.77 13.95
N PRO A 214 4.00 -3.95 14.90
CA PRO A 214 4.90 -2.84 15.25
C PRO A 214 5.63 -2.29 14.02
N ARG A 215 5.87 -0.98 14.03
CA ARG A 215 6.54 -0.29 12.95
C ARG A 215 7.95 0.11 13.37
N ASN A 216 8.26 0.03 14.67
CA ASN A 216 9.60 0.35 15.17
C ASN A 216 10.17 -0.81 15.99
N LYS A 217 11.51 -0.87 16.14
CA LYS A 217 12.23 -1.92 16.86
C LYS A 217 11.92 -3.29 16.21
N VAL A 218 11.89 -3.29 14.86
CA VAL A 218 11.62 -4.46 14.03
C VAL A 218 12.98 -5.00 13.58
N PHE A 219 13.28 -6.23 13.95
CA PHE A 219 14.55 -6.86 13.61
C PHE A 219 14.38 -8.06 12.71
N PRO A 220 15.27 -8.26 11.71
CA PRO A 220 15.09 -9.40 10.80
C PRO A 220 15.76 -10.68 11.30
N TYR A 221 15.05 -11.82 11.21
CA TYR A 221 15.68 -13.10 11.48
C TYR A 221 15.96 -13.69 10.08
N VAL A 222 17.22 -13.63 9.64
CA VAL A 222 17.61 -14.03 8.30
C VAL A 222 17.77 -15.57 8.14
N MET A 223 17.07 -16.09 7.11
CA MET A 223 17.02 -17.48 6.71
C MET A 223 17.48 -17.53 5.26
N SER A 224 17.88 -18.72 4.77
CA SER A 224 18.30 -18.87 3.39
C SER A 224 17.07 -18.94 2.50
N GLU A 225 17.24 -18.72 1.19
CA GLU A 225 16.18 -18.81 0.20
C GLU A 225 15.62 -20.25 0.17
N VAL A 226 16.53 -21.26 0.28
CA VAL A 226 16.21 -22.67 0.20
C VAL A 226 15.29 -23.08 1.39
N GLU A 227 15.58 -22.58 2.63
CA GLU A 227 14.77 -22.80 3.84
C GLU A 227 13.52 -21.88 3.90
N SER A 228 13.44 -20.90 2.97
CA SER A 228 12.31 -19.94 2.86
C SER A 228 11.18 -20.44 1.94
N ALA A 229 11.24 -21.72 1.48
CA ALA A 229 10.25 -22.35 0.60
C ALA A 229 8.82 -22.18 1.12
N ASP A 230 7.92 -21.67 0.26
CA ASP A 230 6.52 -21.40 0.56
C ASP A 230 5.65 -22.34 -0.31
N ILE A 231 4.69 -23.06 0.30
CA ILE A 231 3.81 -23.94 -0.46
C ILE A 231 2.59 -23.18 -0.99
N ASP A 232 2.43 -23.12 -2.33
CA ASP A 232 1.31 -22.49 -3.04
C ASP A 232 0.68 -23.46 -4.05
N THR A 233 1.51 -24.35 -4.63
CA THR A 233 1.15 -25.29 -5.69
C THR A 233 1.64 -26.71 -5.35
N LEU A 234 1.21 -27.72 -6.16
CA LEU A 234 1.66 -29.11 -6.02
C LEU A 234 3.14 -29.23 -6.42
N GLU A 235 3.64 -28.28 -7.25
CA GLU A 235 5.04 -28.25 -7.67
C GLU A 235 5.92 -27.85 -6.49
N ASP A 236 5.53 -26.80 -5.74
CA ASP A 236 6.21 -26.34 -4.52
C ASP A 236 6.31 -27.49 -3.53
N LEU A 237 5.17 -28.23 -3.33
CA LEU A 237 5.08 -29.40 -2.47
C LEU A 237 5.99 -30.53 -2.93
N ARG A 238 6.03 -30.83 -4.26
CA ARG A 238 6.90 -31.87 -4.83
C ARG A 238 8.39 -31.52 -4.65
N LYS A 239 8.75 -30.23 -4.82
CA LYS A 239 10.13 -29.72 -4.66
C LYS A 239 10.63 -29.92 -3.23
N VAL A 240 9.77 -29.63 -2.24
CA VAL A 240 10.09 -29.81 -0.82
C VAL A 240 10.19 -31.30 -0.52
N GLU A 241 9.28 -32.12 -1.10
CA GLU A 241 9.33 -33.59 -0.93
C GLU A 241 10.72 -34.09 -1.31
N GLU A 242 11.17 -33.71 -2.52
CA GLU A 242 12.46 -34.10 -3.08
C GLU A 242 13.63 -33.61 -2.23
N GLN A 243 13.63 -32.37 -1.76
CA GLN A 243 14.75 -31.96 -0.93
C GLN A 243 14.61 -32.39 0.56
N LEU A 244 13.67 -33.32 0.85
CA LEU A 244 13.39 -33.89 2.17
C LEU A 244 13.75 -35.40 2.27
N LYS A 245 14.01 -36.05 1.11
CA LYS A 245 14.38 -37.48 1.03
C LYS A 245 15.79 -37.75 1.57
N PHE B 17 -1.81 6.54 -35.21
CA PHE B 17 -2.53 5.94 -36.34
C PHE B 17 -3.07 4.54 -36.02
N MET B 18 -4.31 4.26 -36.46
CA MET B 18 -4.99 2.97 -36.27
C MET B 18 -4.25 1.77 -36.88
N SER B 19 -3.73 1.95 -38.12
CA SER B 19 -3.00 0.95 -38.89
C SER B 19 -1.48 1.20 -38.76
N ASN B 20 -0.78 0.21 -38.16
CA ASN B 20 0.67 0.15 -37.86
C ASN B 20 1.20 -1.20 -38.32
N GLU B 21 2.52 -1.22 -38.63
CA GLU B 21 3.27 -2.40 -39.09
C GLU B 21 4.41 -2.68 -38.08
N TYR B 22 4.70 -3.97 -37.88
CA TYR B 22 5.68 -4.47 -36.92
C TYR B 22 6.71 -5.38 -37.51
N VAL B 23 7.94 -5.20 -37.06
CA VAL B 23 9.07 -6.02 -37.45
C VAL B 23 9.60 -6.74 -36.21
N ALA B 24 9.94 -8.02 -36.34
CA ALA B 24 10.52 -8.75 -35.23
C ALA B 24 12.04 -8.75 -35.40
N LEU B 25 12.75 -8.50 -34.30
CA LEU B 25 14.20 -8.55 -34.25
C LEU B 25 14.61 -9.53 -33.19
N ILE B 26 15.37 -10.54 -33.60
CA ILE B 26 15.87 -11.58 -32.70
C ILE B 26 17.39 -11.39 -32.65
N THR B 27 17.91 -11.05 -31.47
CA THR B 27 19.35 -10.84 -31.32
C THR B 27 19.99 -12.11 -30.76
N ALA B 28 20.83 -12.77 -31.56
CA ALA B 28 21.49 -14.01 -31.13
C ALA B 28 22.97 -14.03 -31.50
N ARG B 29 23.86 -13.96 -30.51
CA ARG B 29 25.30 -13.96 -30.77
C ARG B 29 25.82 -15.41 -30.68
N GLY B 30 26.92 -15.69 -31.37
CA GLY B 30 27.57 -17.01 -31.34
C GLY B 30 28.28 -17.29 -30.04
N GLY B 31 29.01 -16.30 -29.55
CA GLY B 31 29.75 -16.38 -28.28
C GLY B 31 28.86 -16.33 -27.06
N SER B 32 29.44 -16.66 -25.89
CA SER B 32 28.74 -16.68 -24.61
C SER B 32 29.72 -16.56 -23.46
N LYS B 33 29.24 -16.01 -22.33
CA LYS B 33 30.01 -15.86 -21.08
C LYS B 33 30.14 -17.22 -20.36
N GLY B 34 29.38 -18.22 -20.81
CA GLY B 34 29.42 -19.59 -20.33
C GLY B 34 29.99 -20.54 -21.37
N LEU B 35 30.20 -21.82 -20.99
CA LEU B 35 30.72 -22.89 -21.86
C LEU B 35 29.58 -23.58 -22.66
N LEU B 36 28.50 -22.81 -22.96
CA LEU B 36 27.29 -23.28 -23.63
C LEU B 36 27.04 -22.52 -24.92
N ARG B 37 26.66 -23.24 -25.99
CA ARG B 37 26.28 -22.66 -27.28
C ARG B 37 24.72 -22.60 -27.35
N LYS B 38 24.11 -21.94 -26.33
CA LYS B 38 22.69 -21.75 -26.02
C LYS B 38 21.69 -21.67 -27.20
N ASN B 39 21.91 -20.72 -28.12
CA ASN B 39 20.97 -20.38 -29.18
C ASN B 39 20.62 -21.49 -30.14
N VAL B 40 21.49 -22.51 -30.26
CA VAL B 40 21.32 -23.59 -31.23
C VAL B 40 21.09 -24.95 -30.57
N LEU B 41 21.08 -25.00 -29.23
CA LEU B 41 20.84 -26.24 -28.47
C LEU B 41 19.46 -26.86 -28.75
N PRO B 42 19.38 -28.19 -28.90
CA PRO B 42 18.06 -28.81 -29.19
C PRO B 42 17.04 -28.71 -28.06
N LEU B 43 15.83 -28.32 -28.41
CA LEU B 43 14.72 -28.24 -27.49
C LEU B 43 13.51 -28.76 -28.22
N HIS B 44 13.01 -29.91 -27.75
CA HIS B 44 11.83 -30.57 -28.28
C HIS B 44 11.84 -30.70 -29.84
N GLY B 45 12.98 -31.16 -30.34
CA GLY B 45 13.24 -31.44 -31.76
C GLY B 45 13.79 -30.31 -32.60
N ILE B 46 13.88 -29.08 -32.05
CA ILE B 46 14.38 -27.99 -32.87
C ILE B 46 15.42 -27.18 -32.10
N PRO B 47 16.29 -26.42 -32.81
CA PRO B 47 17.28 -25.57 -32.11
C PRO B 47 16.56 -24.48 -31.32
N LEU B 48 17.03 -24.18 -30.10
CA LEU B 48 16.43 -23.17 -29.21
C LEU B 48 15.89 -21.92 -29.92
N ILE B 49 16.71 -21.27 -30.78
CA ILE B 49 16.35 -20.06 -31.51
C ILE B 49 15.08 -20.24 -32.39
N GLY B 50 14.87 -21.47 -32.91
CA GLY B 50 13.74 -21.83 -33.73
C GLY B 50 12.41 -21.57 -33.06
N TRP B 51 12.32 -21.79 -31.73
CA TRP B 51 11.11 -21.52 -30.96
C TRP B 51 10.72 -20.04 -31.01
N THR B 52 11.73 -19.14 -30.96
CA THR B 52 11.50 -17.70 -30.99
C THR B 52 11.22 -17.23 -32.43
N ILE B 53 11.94 -17.78 -33.41
CA ILE B 53 11.69 -17.44 -34.81
C ILE B 53 10.22 -17.74 -35.15
N LYS B 54 9.79 -18.98 -34.83
CA LYS B 54 8.45 -19.50 -35.09
C LYS B 54 7.38 -18.75 -34.34
N ALA B 55 7.67 -18.31 -33.09
CA ALA B 55 6.74 -17.50 -32.30
C ALA B 55 6.51 -16.17 -33.02
N ALA B 56 7.57 -15.54 -33.52
CA ALA B 56 7.47 -14.28 -34.27
C ALA B 56 6.72 -14.47 -35.60
N GLN B 57 7.08 -15.52 -36.36
CA GLN B 57 6.46 -15.83 -37.66
C GLN B 57 4.99 -16.17 -37.51
N GLY B 58 4.65 -16.90 -36.44
CA GLY B 58 3.27 -17.32 -36.18
C GLY B 58 2.33 -16.20 -35.81
N CYS B 59 2.89 -15.05 -35.42
CA CYS B 59 2.08 -13.91 -35.02
C CYS B 59 1.64 -13.11 -36.21
N SER B 60 0.32 -12.94 -36.37
CA SER B 60 -0.31 -12.20 -37.46
C SER B 60 0.19 -10.77 -37.65
N TYR B 61 0.46 -10.04 -36.54
CA TYR B 61 0.93 -8.65 -36.55
C TYR B 61 2.37 -8.48 -37.03
N ILE B 62 3.18 -9.57 -37.10
CA ILE B 62 4.57 -9.47 -37.55
C ILE B 62 4.66 -9.59 -39.08
N SER B 63 5.22 -8.56 -39.74
CA SER B 63 5.39 -8.52 -41.20
C SER B 63 6.65 -9.29 -41.61
N LYS B 64 7.78 -9.06 -40.89
CA LYS B 64 9.08 -9.69 -41.16
C LYS B 64 9.82 -10.02 -39.87
N VAL B 65 10.62 -11.09 -39.94
CA VAL B 65 11.44 -11.59 -38.83
C VAL B 65 12.89 -11.47 -39.22
N PHE B 66 13.66 -10.75 -38.43
CA PHE B 66 15.08 -10.58 -38.64
C PHE B 66 15.84 -11.14 -37.47
N VAL B 67 16.91 -11.84 -37.75
CA VAL B 67 17.82 -12.38 -36.75
C VAL B 67 19.17 -11.63 -36.94
N SER B 68 19.61 -10.86 -35.92
CA SER B 68 20.90 -10.15 -35.94
C SER B 68 21.93 -11.10 -35.34
N THR B 69 22.84 -11.63 -36.16
CA THR B 69 23.84 -12.60 -35.69
C THR B 69 25.20 -12.43 -36.38
N ASP B 70 26.25 -12.91 -35.72
CA ASP B 70 27.65 -12.95 -36.17
C ASP B 70 28.02 -14.42 -36.48
N ASP B 71 27.11 -15.37 -36.15
CA ASP B 71 27.35 -16.80 -36.22
C ASP B 71 26.79 -17.50 -37.44
N TYR B 72 27.61 -18.39 -38.04
CA TYR B 72 27.24 -19.18 -39.23
C TYR B 72 26.02 -20.10 -38.96
N GLU B 73 26.03 -20.89 -37.84
CA GLU B 73 24.95 -21.84 -37.52
C GLU B 73 23.62 -21.16 -37.23
N ILE B 74 23.65 -20.09 -36.43
CA ILE B 74 22.47 -19.29 -36.14
C ILE B 74 21.87 -18.76 -37.47
N ALA B 75 22.71 -18.20 -38.35
CA ALA B 75 22.30 -17.68 -39.67
C ALA B 75 21.70 -18.75 -40.57
N LYS B 76 22.31 -19.95 -40.60
CA LYS B 76 21.88 -21.11 -41.37
C LYS B 76 20.49 -21.61 -40.88
N ILE B 77 20.35 -21.79 -39.54
CA ILE B 77 19.10 -22.20 -38.91
C ILE B 77 18.00 -21.15 -39.23
N SER B 78 18.32 -19.86 -39.05
CA SER B 78 17.40 -18.74 -39.28
C SER B 78 16.90 -18.70 -40.72
N GLU B 79 17.84 -18.63 -41.71
CA GLU B 79 17.51 -18.62 -43.15
C GLU B 79 16.67 -19.85 -43.54
N GLY B 80 17.04 -21.04 -43.06
CA GLY B 80 16.32 -22.28 -43.32
C GLY B 80 14.85 -22.22 -42.90
N LEU B 81 14.58 -21.63 -41.71
CA LEU B 81 13.25 -21.43 -41.18
C LEU B 81 12.46 -20.34 -41.93
N GLY B 82 13.15 -19.54 -42.75
CA GLY B 82 12.58 -18.44 -43.51
C GLY B 82 12.79 -17.04 -42.94
N ALA B 83 13.55 -16.88 -41.81
CA ALA B 83 13.83 -15.56 -41.24
C ALA B 83 14.93 -14.86 -42.08
N LEU B 84 14.99 -13.52 -42.02
CA LEU B 84 16.01 -12.73 -42.71
C LEU B 84 17.18 -12.53 -41.77
N VAL B 85 18.41 -12.53 -42.29
CA VAL B 85 19.59 -12.39 -41.44
C VAL B 85 20.21 -11.00 -41.54
N ILE B 86 20.43 -10.39 -40.38
CA ILE B 86 21.13 -9.12 -40.22
C ILE B 86 22.56 -9.56 -39.81
N ASN B 87 23.54 -9.34 -40.68
CA ASN B 87 24.92 -9.72 -40.37
C ASN B 87 25.48 -8.70 -39.41
N ARG B 88 25.69 -9.14 -38.17
CA ARG B 88 26.17 -8.27 -37.09
C ARG B 88 27.69 -8.12 -37.04
N PRO B 89 28.20 -6.86 -36.93
CA PRO B 89 29.66 -6.66 -36.83
C PRO B 89 30.24 -7.24 -35.53
N GLU B 90 31.50 -7.71 -35.60
CA GLU B 90 32.26 -8.32 -34.51
C GLU B 90 32.16 -7.55 -33.18
N GLU B 91 32.33 -6.21 -33.24
CA GLU B 91 32.29 -5.26 -32.11
C GLU B 91 30.98 -5.35 -31.32
N LEU B 92 29.88 -5.66 -32.02
CA LEU B 92 28.54 -5.75 -31.46
C LEU B 92 28.19 -7.14 -30.94
N ALA B 93 29.11 -8.12 -31.08
CA ALA B 93 28.91 -9.49 -30.63
C ALA B 93 29.83 -9.86 -29.45
N THR B 94 30.56 -8.87 -28.91
CA THR B 94 31.48 -9.04 -27.77
C THR B 94 30.70 -9.11 -26.45
N ASP B 95 31.39 -9.52 -25.35
CA ASP B 95 30.81 -9.62 -24.01
C ASP B 95 30.51 -8.20 -23.46
N THR B 96 31.22 -7.19 -23.99
CA THR B 96 31.12 -5.78 -23.59
C THR B 96 30.05 -5.01 -24.40
N ALA B 97 29.66 -5.55 -25.59
CA ALA B 97 28.69 -4.95 -26.50
C ALA B 97 27.36 -4.65 -25.84
N SER B 98 26.88 -3.42 -26.06
CA SER B 98 25.66 -2.85 -25.49
C SER B 98 24.41 -3.23 -26.28
N SER B 99 23.33 -3.49 -25.54
CA SER B 99 22.00 -3.82 -26.06
C SER B 99 21.51 -2.69 -27.00
N ILE B 100 21.74 -1.42 -26.59
CA ILE B 100 21.38 -0.21 -27.35
C ILE B 100 22.07 -0.19 -28.73
N ASP B 101 23.38 -0.48 -28.74
CA ASP B 101 24.20 -0.48 -29.96
C ASP B 101 23.74 -1.52 -30.98
N VAL B 102 23.36 -2.72 -30.51
CA VAL B 102 22.86 -3.74 -31.43
C VAL B 102 21.53 -3.25 -32.05
N ILE B 103 20.63 -2.72 -31.21
CA ILE B 103 19.34 -2.23 -31.67
C ILE B 103 19.53 -1.13 -32.71
N LEU B 104 20.41 -0.15 -32.41
CA LEU B 104 20.70 0.97 -33.31
C LEU B 104 21.24 0.48 -34.63
N HIS B 105 22.13 -0.53 -34.59
CA HIS B 105 22.66 -1.15 -35.79
C HIS B 105 21.53 -1.79 -36.61
N ALA B 106 20.62 -2.58 -35.94
CA ALA B 106 19.50 -3.22 -36.61
C ALA B 106 18.55 -2.20 -37.21
N ILE B 107 18.27 -1.10 -36.49
CA ILE B 107 17.43 0.02 -36.98
C ILE B 107 18.07 0.61 -38.24
N SER B 108 19.40 0.86 -38.20
CA SER B 108 20.17 1.40 -39.32
C SER B 108 20.13 0.44 -40.52
N TRP B 109 20.41 -0.86 -40.29
CA TRP B 109 20.33 -1.91 -41.33
C TRP B 109 18.95 -1.89 -41.97
N LEU B 110 17.86 -1.92 -41.15
CA LEU B 110 16.48 -1.92 -41.65
C LEU B 110 16.13 -0.71 -42.50
N GLU B 111 16.58 0.49 -42.06
CA GLU B 111 16.34 1.74 -42.76
C GLU B 111 17.03 1.79 -44.14
N GLN B 112 18.20 1.11 -44.27
CA GLN B 112 18.95 1.05 -45.53
C GLN B 112 18.54 -0.11 -46.45
N LYS B 113 18.40 -1.32 -45.87
CA LYS B 113 18.13 -2.58 -46.59
C LYS B 113 16.64 -3.01 -46.68
N GLU B 114 15.74 -2.47 -45.83
CA GLU B 114 14.33 -2.88 -45.88
C GLU B 114 13.37 -1.73 -46.31
N VAL B 115 12.63 -1.96 -47.41
CA VAL B 115 11.70 -1.02 -48.05
C VAL B 115 10.44 -0.73 -47.20
N GLN B 116 9.95 -1.73 -46.45
CA GLN B 116 8.79 -1.55 -45.59
C GLN B 116 9.13 -0.62 -44.41
N LYS B 117 8.29 0.41 -44.15
CA LYS B 117 8.49 1.27 -42.99
C LYS B 117 7.69 0.66 -41.83
N TYR B 118 8.35 0.43 -40.71
CA TYR B 118 7.71 -0.17 -39.53
C TYR B 118 7.54 0.86 -38.42
N GLU B 119 6.39 0.82 -37.73
CA GLU B 119 6.13 1.71 -36.59
C GLU B 119 6.85 1.17 -35.37
N GLY B 120 6.68 -0.13 -35.15
CA GLY B 120 7.25 -0.80 -34.00
C GLY B 120 8.16 -1.94 -34.28
N MET B 121 9.11 -2.13 -33.37
CA MET B 121 10.07 -3.22 -33.42
C MET B 121 9.76 -4.12 -32.23
N ILE B 122 9.70 -5.42 -32.48
CA ILE B 122 9.43 -6.43 -31.47
C ILE B 122 10.75 -7.19 -31.24
N LEU B 123 11.56 -6.71 -30.26
CA LEU B 123 12.83 -7.33 -29.89
C LEU B 123 12.51 -8.59 -29.05
N LEU B 124 13.03 -9.75 -29.46
CA LEU B 124 12.74 -11.04 -28.84
C LEU B 124 14.06 -11.79 -28.59
N GLN B 125 14.22 -12.30 -27.37
CA GLN B 125 15.42 -13.06 -27.01
C GLN B 125 15.25 -14.56 -27.27
N PRO B 126 16.27 -15.21 -27.87
CA PRO B 126 16.16 -16.66 -28.14
C PRO B 126 16.12 -17.52 -26.90
N THR B 127 16.48 -16.94 -25.73
CA THR B 127 16.53 -17.63 -24.44
C THR B 127 15.16 -17.73 -23.74
N SER B 128 14.07 -17.27 -24.40
CA SER B 128 12.70 -17.31 -23.88
C SER B 128 11.82 -18.22 -24.78
N PRO B 129 12.05 -19.56 -24.81
CA PRO B 129 11.28 -20.43 -25.72
C PRO B 129 9.82 -20.68 -25.35
N LEU B 130 9.42 -20.33 -24.10
CA LEU B 130 8.01 -20.50 -23.69
C LEU B 130 7.15 -19.29 -24.04
N ARG B 131 7.75 -18.23 -24.63
CA ARG B 131 7.02 -17.07 -25.10
C ARG B 131 6.60 -17.38 -26.53
N THR B 132 5.29 -17.52 -26.74
CA THR B 132 4.64 -17.96 -27.97
C THR B 132 4.12 -16.82 -28.86
N SER B 133 3.57 -17.18 -30.02
CA SER B 133 2.93 -16.24 -30.96
C SER B 133 1.79 -15.54 -30.25
N HIS B 134 1.05 -16.27 -29.39
CA HIS B 134 -0.08 -15.75 -28.64
C HIS B 134 0.36 -14.61 -27.72
N HIS B 135 1.52 -14.78 -27.03
CA HIS B 135 2.10 -13.77 -26.15
C HIS B 135 2.49 -12.52 -26.93
N ILE B 136 3.06 -12.69 -28.14
CA ILE B 136 3.47 -11.57 -28.99
C ILE B 136 2.23 -10.79 -29.45
N LYS B 137 1.20 -11.52 -29.90
CA LYS B 137 -0.08 -10.97 -30.34
C LYS B 137 -0.67 -10.07 -29.25
N GLU B 138 -0.76 -10.60 -28.02
CA GLU B 138 -1.31 -9.90 -26.84
C GLU B 138 -0.49 -8.70 -26.46
N ALA B 139 0.84 -8.83 -26.45
CA ALA B 139 1.73 -7.71 -26.17
C ALA B 139 1.52 -6.58 -27.21
N ILE B 140 1.36 -6.89 -28.52
CA ILE B 140 1.13 -5.86 -29.58
C ILE B 140 -0.26 -5.23 -29.39
N GLU B 141 -1.27 -6.05 -29.01
CA GLU B 141 -2.63 -5.53 -28.74
C GLU B 141 -2.60 -4.54 -27.59
N LEU B 142 -1.82 -4.82 -26.52
CA LEU B 142 -1.67 -3.95 -25.36
C LEU B 142 -0.97 -2.67 -25.81
N TYR B 143 0.09 -2.82 -26.63
CA TYR B 143 0.86 -1.73 -27.20
C TYR B 143 -0.06 -0.75 -27.94
N GLU B 144 -0.98 -1.26 -28.76
CA GLU B 144 -1.94 -0.42 -29.50
C GLU B 144 -3.03 0.19 -28.60
N LYS B 145 -3.66 -0.64 -27.73
CA LYS B 145 -4.72 -0.23 -26.82
C LYS B 145 -4.33 0.90 -25.87
N THR B 146 -3.09 0.86 -25.35
CA THR B 146 -2.60 1.83 -24.39
C THR B 146 -1.91 3.01 -25.03
N ALA B 147 -1.66 2.97 -26.37
CA ALA B 147 -0.93 4.00 -27.09
C ALA B 147 0.48 4.13 -26.50
N ALA B 148 1.05 2.98 -26.12
CA ALA B 148 2.37 2.86 -25.47
C ALA B 148 3.50 3.27 -26.39
N LYS B 149 4.66 3.60 -25.81
CA LYS B 149 5.87 3.92 -26.55
C LYS B 149 6.82 2.71 -26.48
N PHE B 150 6.61 1.91 -25.42
CA PHE B 150 7.35 0.72 -25.08
C PHE B 150 6.48 -0.21 -24.23
N VAL B 151 6.38 -1.50 -24.63
CA VAL B 151 5.72 -2.60 -23.95
C VAL B 151 6.81 -3.64 -23.62
N ILE B 152 6.94 -3.99 -22.34
CA ILE B 152 7.92 -4.96 -21.91
C ILE B 152 7.22 -6.12 -21.20
N SER B 153 7.57 -7.37 -21.59
CA SER B 153 6.99 -8.54 -20.96
C SER B 153 7.63 -8.71 -19.58
N VAL B 154 6.78 -8.94 -18.59
CA VAL B 154 7.16 -9.03 -17.19
C VAL B 154 6.38 -10.15 -16.54
N PHE B 155 6.74 -10.44 -15.28
CA PHE B 155 6.02 -11.35 -14.43
C PHE B 155 5.99 -10.79 -13.02
N GLU B 156 5.01 -11.20 -12.24
CA GLU B 156 4.86 -10.84 -10.83
C GLU B 156 5.56 -11.95 -10.05
N PRO B 157 6.71 -11.69 -9.37
CA PRO B 157 7.39 -12.76 -8.62
C PRO B 157 6.51 -13.26 -7.48
N THR B 158 6.66 -14.53 -7.05
CA THR B 158 5.87 -15.14 -5.97
C THR B 158 5.97 -14.30 -4.71
N HIS B 159 7.21 -13.85 -4.39
CA HIS B 159 7.49 -12.96 -3.27
C HIS B 159 7.57 -11.57 -3.91
N THR B 160 6.49 -10.77 -3.80
CA THR B 160 6.42 -9.44 -4.38
C THR B 160 7.34 -8.41 -3.69
N PRO B 161 8.15 -7.69 -4.51
CA PRO B 161 9.07 -6.68 -3.98
C PRO B 161 8.40 -5.51 -3.23
N ILE B 162 7.07 -5.27 -3.46
CA ILE B 162 6.37 -4.18 -2.79
C ILE B 162 6.18 -4.51 -1.28
N LYS B 163 6.36 -5.78 -0.90
CA LYS B 163 6.20 -6.24 0.47
C LYS B 163 7.56 -6.46 1.14
N SER B 164 8.66 -6.03 0.48
CA SER B 164 10.01 -6.17 1.03
C SER B 164 10.41 -5.07 2.04
N TYR B 165 11.53 -5.29 2.73
CA TYR B 165 12.08 -4.41 3.76
C TYR B 165 13.46 -3.94 3.36
N LEU B 166 13.93 -2.79 3.90
CA LEU B 166 15.33 -2.35 3.77
C LEU B 166 15.94 -2.28 5.16
N GLU B 167 17.20 -2.64 5.28
CA GLU B 167 17.93 -2.63 6.55
C GLU B 167 18.49 -1.23 6.92
N ASN B 168 18.16 -0.75 8.13
CA ASN B 168 18.65 0.50 8.70
C ASN B 168 20.04 0.25 9.34
N ASP B 169 20.76 1.32 9.69
CA ASP B 169 22.12 1.21 10.26
C ASP B 169 22.16 0.57 11.64
N ASP B 170 21.09 0.71 12.44
CA ASP B 170 21.03 0.11 13.78
C ASP B 170 20.67 -1.40 13.77
N GLY B 171 20.54 -1.97 12.56
CA GLY B 171 20.18 -3.37 12.38
C GLY B 171 18.69 -3.63 12.21
N THR B 172 17.83 -2.63 12.48
CA THR B 172 16.40 -2.76 12.31
C THR B 172 16.04 -2.73 10.83
N ILE B 173 14.77 -3.04 10.52
CA ILE B 173 14.27 -3.04 9.15
C ILE B 173 13.00 -2.23 9.08
N SER B 174 12.75 -1.68 7.89
CA SER B 174 11.56 -0.90 7.61
C SER B 174 11.11 -1.24 6.20
N GLY B 175 9.81 -1.17 5.97
CA GLY B 175 9.23 -1.44 4.67
C GLY B 175 9.87 -0.61 3.59
N LEU B 176 10.15 -1.22 2.42
CA LEU B 176 10.74 -0.50 1.29
C LEU B 176 9.71 0.51 0.74
N TYR B 177 8.44 0.05 0.55
CA TYR B 177 7.37 0.85 -0.03
C TYR B 177 6.72 1.77 0.99
N SER B 178 6.23 1.18 2.07
CA SER B 178 5.59 1.85 3.22
C SER B 178 5.72 0.94 4.43
N ASN B 179 5.39 1.48 5.62
CA ASN B 179 5.42 0.77 6.91
C ASN B 179 4.40 -0.34 7.00
N GLU B 180 3.23 -0.18 6.31
CA GLU B 180 2.17 -1.17 6.34
C GLU B 180 2.18 -2.09 5.11
N ALA B 181 2.91 -1.73 4.04
CA ALA B 181 2.98 -2.57 2.83
C ALA B 181 3.33 -4.06 3.09
N PRO B 182 4.35 -4.43 3.93
CA PRO B 182 4.65 -5.85 4.13
C PRO B 182 3.55 -6.67 4.81
N TYR B 183 2.50 -6.02 5.34
CA TYR B 183 1.39 -6.67 6.05
C TYR B 183 0.09 -6.55 5.31
N GLN B 184 0.10 -5.84 4.18
CA GLN B 184 -1.09 -5.62 3.37
C GLN B 184 -1.25 -6.70 2.32
N ARG B 185 -2.49 -6.86 1.84
CA ARG B 185 -2.80 -7.82 0.78
C ARG B 185 -2.17 -7.30 -0.50
N ARG B 186 -1.55 -8.20 -1.24
CA ARG B 186 -0.89 -7.94 -2.52
C ARG B 186 -1.84 -7.25 -3.50
N GLN B 187 -3.14 -7.63 -3.47
CA GLN B 187 -4.23 -7.10 -4.29
C GLN B 187 -4.55 -5.62 -3.99
N ASP B 188 -4.24 -5.15 -2.76
CA ASP B 188 -4.50 -3.77 -2.32
C ASP B 188 -3.28 -2.86 -2.46
N LEU B 189 -2.22 -3.36 -3.11
CA LEU B 189 -0.99 -2.58 -3.32
C LEU B 189 -0.71 -2.46 -4.82
N PRO B 190 0.02 -1.42 -5.28
CA PRO B 190 0.40 -1.38 -6.72
C PRO B 190 1.21 -2.63 -7.05
N ARG B 191 1.10 -3.13 -8.29
CA ARG B 191 1.82 -4.36 -8.60
C ARG B 191 3.30 -4.11 -8.91
N ALA B 192 4.20 -4.92 -8.32
CA ALA B 192 5.62 -4.83 -8.65
C ALA B 192 5.93 -5.94 -9.68
N TYR B 193 6.72 -5.63 -10.74
CA TYR B 193 6.99 -6.52 -11.86
C TYR B 193 8.46 -6.69 -12.09
N GLN B 194 8.84 -7.88 -12.56
CA GLN B 194 10.20 -8.21 -12.92
C GLN B 194 10.24 -8.49 -14.45
N PRO B 195 11.06 -7.80 -15.25
CA PRO B 195 11.12 -8.11 -16.70
C PRO B 195 11.66 -9.53 -16.90
N ASN B 196 11.10 -10.27 -17.88
CA ASN B 196 11.53 -11.64 -18.10
C ASN B 196 12.43 -11.81 -19.35
N GLY B 197 12.67 -10.73 -20.07
CA GLY B 197 13.50 -10.69 -21.26
C GLY B 197 12.90 -11.25 -22.55
N ALA B 198 11.66 -11.74 -22.52
CA ALA B 198 10.99 -12.33 -23.68
C ALA B 198 10.61 -11.34 -24.77
N ILE B 199 9.97 -10.22 -24.42
CA ILE B 199 9.46 -9.25 -25.41
C ILE B 199 9.78 -7.79 -25.00
N TYR B 200 10.25 -7.00 -25.97
CA TYR B 200 10.51 -5.56 -25.90
C TYR B 200 9.87 -4.99 -27.16
N ALA B 201 8.67 -4.38 -27.04
CA ALA B 201 7.92 -3.81 -28.16
C ALA B 201 7.98 -2.29 -28.04
N PHE B 202 8.69 -1.64 -28.94
CA PHE B 202 8.86 -0.21 -28.86
C PHE B 202 8.73 0.49 -30.19
N SER B 203 8.36 1.78 -30.12
CA SER B 203 8.29 2.65 -31.28
C SER B 203 9.71 2.87 -31.78
N ILE B 204 9.99 2.54 -33.07
CA ILE B 204 11.32 2.72 -33.64
C ILE B 204 11.73 4.21 -33.50
N ASP B 205 10.82 5.13 -33.92
CA ASP B 205 10.96 6.60 -33.85
C ASP B 205 11.30 7.10 -32.42
N GLU B 206 10.57 6.65 -31.38
CA GLU B 206 10.82 7.03 -29.97
C GLU B 206 12.16 6.48 -29.45
N PHE B 207 12.61 5.30 -29.96
CA PHE B 207 13.91 4.72 -29.55
C PHE B 207 15.05 5.59 -30.11
N LYS B 208 14.97 6.01 -31.38
CA LYS B 208 16.03 6.80 -31.99
C LYS B 208 15.89 8.33 -31.75
N LEU B 209 14.96 8.74 -30.87
CA LEU B 209 14.81 10.14 -30.48
C LEU B 209 15.81 10.38 -29.35
N ASN B 210 15.83 9.50 -28.35
CA ASN B 210 16.70 9.54 -27.18
C ASN B 210 17.91 8.60 -27.34
N ASN B 211 17.94 7.80 -28.44
CA ASN B 211 18.94 6.77 -28.77
C ASN B 211 19.07 5.73 -27.64
N HIS B 212 17.94 5.40 -27.00
CA HIS B 212 17.81 4.47 -25.88
C HIS B 212 16.33 4.07 -25.85
N PHE B 213 15.97 3.07 -25.01
CA PHE B 213 14.61 2.60 -24.81
C PHE B 213 13.75 3.72 -24.25
N PRO B 214 12.47 3.84 -24.69
CA PRO B 214 11.60 4.90 -24.13
C PRO B 214 11.51 4.84 -22.63
N ARG B 215 11.44 6.02 -22.01
CA ARG B 215 11.37 6.16 -20.56
C ARG B 215 9.95 6.46 -20.10
N ASN B 216 9.09 6.93 -21.03
CA ASN B 216 7.69 7.25 -20.75
C ASN B 216 6.72 6.44 -21.60
N LYS B 217 5.47 6.30 -21.12
CA LYS B 217 4.41 5.55 -21.75
C LYS B 217 4.86 4.07 -21.93
N VAL B 218 5.50 3.53 -20.89
CA VAL B 218 6.00 2.17 -20.77
C VAL B 218 4.96 1.36 -20.02
N PHE B 219 4.43 0.32 -20.68
CA PHE B 219 3.38 -0.51 -20.12
C PHE B 219 3.82 -1.94 -19.98
N PRO B 220 3.36 -2.65 -18.94
CA PRO B 220 3.79 -4.04 -18.77
C PRO B 220 2.88 -5.08 -19.43
N TYR B 221 3.46 -6.07 -20.13
CA TYR B 221 2.69 -7.19 -20.65
C TYR B 221 2.97 -8.33 -19.69
N VAL B 222 2.00 -8.64 -18.85
CA VAL B 222 2.13 -9.62 -17.76
C VAL B 222 2.00 -11.07 -18.22
N MET B 223 3.06 -11.86 -17.94
CA MET B 223 3.15 -13.29 -18.23
C MET B 223 3.30 -14.01 -16.89
N SER B 224 3.08 -15.33 -16.85
CA SER B 224 3.24 -16.07 -15.60
C SER B 224 4.73 -16.35 -15.39
N GLU B 225 5.11 -16.73 -14.17
CA GLU B 225 6.48 -17.07 -13.80
C GLU B 225 6.94 -18.29 -14.62
N VAL B 226 6.03 -19.28 -14.81
CA VAL B 226 6.26 -20.52 -15.56
C VAL B 226 6.61 -20.23 -17.02
N GLU B 227 5.82 -19.36 -17.69
CA GLU B 227 6.07 -18.93 -19.07
C GLU B 227 7.25 -17.93 -19.20
N SER B 228 7.76 -17.40 -18.05
CA SER B 228 8.89 -16.45 -17.96
C SER B 228 10.28 -17.15 -17.95
N ALA B 229 10.31 -18.49 -18.10
CA ALA B 229 11.53 -19.32 -18.09
C ALA B 229 12.60 -18.80 -19.06
N ASP B 230 13.82 -18.61 -18.55
CA ASP B 230 14.99 -18.11 -19.27
C ASP B 230 16.03 -19.24 -19.34
N ILE B 231 16.57 -19.53 -20.54
CA ILE B 231 17.60 -20.57 -20.70
C ILE B 231 19.00 -19.99 -20.48
N ASP B 232 19.72 -20.52 -19.48
CA ASP B 232 21.10 -20.12 -19.14
C ASP B 232 22.00 -21.36 -19.03
N THR B 233 21.43 -22.48 -18.56
CA THR B 233 22.13 -23.75 -18.30
C THR B 233 21.43 -24.92 -18.99
N LEU B 234 22.08 -26.11 -18.99
CA LEU B 234 21.48 -27.33 -19.49
C LEU B 234 20.32 -27.81 -18.59
N GLU B 235 20.30 -27.36 -17.32
CA GLU B 235 19.22 -27.71 -16.39
C GLU B 235 17.95 -26.94 -16.79
N ASP B 236 18.08 -25.62 -17.07
CA ASP B 236 16.97 -24.76 -17.51
C ASP B 236 16.35 -25.39 -18.77
N LEU B 237 17.21 -25.82 -19.70
CA LEU B 237 16.82 -26.46 -20.96
C LEU B 237 16.12 -27.79 -20.71
N ARG B 238 16.64 -28.59 -19.75
CA ARG B 238 16.09 -29.90 -19.36
C ARG B 238 14.67 -29.74 -18.77
N LYS B 239 14.47 -28.70 -17.94
CA LYS B 239 13.20 -28.39 -17.29
C LYS B 239 12.13 -28.05 -18.32
N VAL B 240 12.47 -27.21 -19.32
CA VAL B 240 11.59 -26.81 -20.41
C VAL B 240 11.28 -28.03 -21.31
N GLU B 241 12.30 -28.87 -21.61
CA GLU B 241 12.12 -30.11 -22.39
C GLU B 241 11.03 -30.96 -21.75
N GLU B 242 11.15 -31.20 -20.43
CA GLU B 242 10.19 -31.97 -19.64
C GLU B 242 8.79 -31.34 -19.70
N GLN B 243 8.69 -30.02 -19.54
CA GLN B 243 7.43 -29.28 -19.61
C GLN B 243 6.74 -29.47 -20.97
N LEU B 244 7.51 -29.43 -22.09
CA LEU B 244 7.02 -29.63 -23.45
C LEU B 244 6.65 -31.12 -23.70
N LYS B 245 7.42 -32.06 -23.13
CA LYS B 245 7.17 -33.50 -23.17
C LYS B 245 5.87 -33.84 -22.41
N ILE B 246 5.67 -33.19 -21.23
CA ILE B 246 4.48 -33.34 -20.38
C ILE B 246 3.24 -32.81 -21.11
N LYS B 247 3.34 -31.66 -21.83
CA LYS B 247 2.21 -31.11 -22.60
C LYS B 247 1.89 -31.98 -23.83
N GLU B 248 2.90 -32.73 -24.34
CA GLU B 248 2.80 -33.63 -25.50
C GLU B 248 2.08 -34.94 -25.18
N ILE B 249 2.49 -35.62 -24.09
CA ILE B 249 1.94 -36.92 -23.68
C ILE B 249 0.75 -36.70 -22.70
N ASN B 250 0.76 -35.56 -21.97
CA ASN B 250 -0.19 -35.09 -20.95
C ASN B 250 -0.13 -35.94 -19.70
N MET C 18 -29.37 -13.27 11.82
CA MET C 18 -30.29 -14.20 12.50
C MET C 18 -31.75 -13.90 12.11
N SER C 19 -32.71 -14.01 13.09
CA SER C 19 -34.13 -13.73 12.92
C SER C 19 -34.40 -12.23 12.64
N ASN C 20 -33.33 -11.41 12.77
CA ASN C 20 -33.28 -9.99 12.52
C ASN C 20 -33.27 -9.73 11.03
N GLU C 21 -34.24 -8.91 10.53
CA GLU C 21 -34.35 -8.49 9.14
C GLU C 21 -33.76 -7.06 9.03
N TYR C 22 -33.07 -6.78 7.91
CA TYR C 22 -32.38 -5.51 7.66
C TYR C 22 -32.77 -4.86 6.35
N VAL C 23 -32.94 -3.54 6.40
CA VAL C 23 -33.26 -2.75 5.23
C VAL C 23 -32.11 -1.78 4.96
N ALA C 24 -31.74 -1.58 3.70
CA ALA C 24 -30.70 -0.60 3.36
C ALA C 24 -31.37 0.70 2.92
N LEU C 25 -30.88 1.82 3.42
CA LEU C 25 -31.34 3.16 3.05
C LEU C 25 -30.14 3.93 2.51
N ILE C 26 -30.28 4.40 1.29
CA ILE C 26 -29.26 5.18 0.60
C ILE C 26 -29.84 6.59 0.45
N THR C 27 -29.19 7.57 1.06
CA THR C 27 -29.68 8.95 1.00
C THR C 27 -28.89 9.70 -0.03
N ALA C 28 -29.58 10.16 -1.05
CA ALA C 28 -28.97 10.87 -2.16
C ALA C 28 -29.84 12.05 -2.64
N ARG C 29 -29.42 13.27 -2.36
CA ARG C 29 -30.14 14.47 -2.81
C ARG C 29 -29.55 14.94 -4.15
N GLY C 30 -30.35 15.65 -4.94
CA GLY C 30 -29.92 16.22 -6.22
C GLY C 30 -28.97 17.40 -6.08
N GLY C 31 -29.28 18.29 -5.14
CA GLY C 31 -28.46 19.47 -4.85
C GLY C 31 -27.21 19.14 -4.07
N SER C 32 -26.26 20.10 -3.99
CA SER C 32 -25.00 19.90 -3.27
C SER C 32 -24.38 21.24 -2.90
N LYS C 33 -23.60 21.28 -1.82
CA LYS C 33 -22.88 22.46 -1.36
C LYS C 33 -21.53 22.51 -2.08
N GLY C 34 -21.00 21.33 -2.45
CA GLY C 34 -19.69 21.22 -3.06
C GLY C 34 -19.59 20.73 -4.48
N LEU C 35 -20.46 19.83 -4.90
CA LEU C 35 -20.34 19.26 -6.24
C LEU C 35 -21.68 18.78 -6.81
N LEU C 36 -22.18 19.46 -7.86
CA LEU C 36 -23.45 19.03 -8.48
C LEU C 36 -23.30 17.69 -9.19
N ARG C 37 -24.41 16.92 -9.23
CA ARG C 37 -24.52 15.58 -9.78
C ARG C 37 -23.48 14.60 -9.20
N LYS C 38 -22.97 14.82 -7.95
CA LYS C 38 -21.96 13.88 -7.46
C LYS C 38 -22.46 12.44 -7.31
N ASN C 39 -23.77 12.24 -6.96
CA ASN C 39 -24.34 10.91 -6.79
C ASN C 39 -24.47 10.11 -8.08
N VAL C 40 -24.45 10.78 -9.25
CA VAL C 40 -24.67 10.17 -10.55
C VAL C 40 -23.44 10.21 -11.45
N LEU C 41 -22.33 10.79 -10.97
CA LEU C 41 -21.10 10.91 -11.75
C LEU C 41 -20.49 9.55 -12.07
N PRO C 42 -19.97 9.33 -13.32
CA PRO C 42 -19.41 8.02 -13.67
C PRO C 42 -18.16 7.64 -12.89
N LEU C 43 -18.13 6.40 -12.41
CA LEU C 43 -17.01 5.84 -11.69
C LEU C 43 -16.83 4.43 -12.21
N HIS C 44 -15.73 4.20 -12.94
CA HIS C 44 -15.36 2.90 -13.51
C HIS C 44 -16.54 2.17 -14.18
N GLY C 45 -17.29 2.92 -14.98
CA GLY C 45 -18.43 2.43 -15.76
C GLY C 45 -19.82 2.50 -15.16
N ILE C 46 -19.95 2.82 -13.85
CA ILE C 46 -21.23 2.88 -13.12
C ILE C 46 -21.45 4.29 -12.51
N PRO C 47 -22.68 4.85 -12.51
CA PRO C 47 -22.89 6.13 -11.77
C PRO C 47 -22.51 5.88 -10.31
N LEU C 48 -21.85 6.85 -9.66
CA LEU C 48 -21.35 6.73 -8.29
C LEU C 48 -22.28 5.95 -7.35
N ILE C 49 -23.58 6.33 -7.29
CA ILE C 49 -24.58 5.70 -6.42
C ILE C 49 -24.73 4.18 -6.66
N GLY C 50 -24.51 3.74 -7.90
CA GLY C 50 -24.58 2.34 -8.30
C GLY C 50 -23.64 1.44 -7.51
N TRP C 51 -22.45 1.93 -7.17
CA TRP C 51 -21.49 1.18 -6.34
C TRP C 51 -22.09 0.86 -4.96
N THR C 52 -22.81 1.80 -4.37
CA THR C 52 -23.44 1.63 -3.06
C THR C 52 -24.72 0.78 -3.17
N ILE C 53 -25.52 0.99 -4.22
CA ILE C 53 -26.73 0.17 -4.44
C ILE C 53 -26.31 -1.31 -4.50
N LYS C 54 -25.31 -1.63 -5.33
CA LYS C 54 -24.77 -2.98 -5.57
C LYS C 54 -24.14 -3.56 -4.34
N ALA C 55 -23.48 -2.72 -3.52
CA ALA C 55 -22.88 -3.19 -2.25
C ALA C 55 -23.99 -3.64 -1.30
N ALA C 56 -25.10 -2.90 -1.24
CA ALA C 56 -26.25 -3.23 -0.39
C ALA C 56 -26.97 -4.50 -0.90
N GLN C 57 -27.18 -4.57 -2.21
CA GLN C 57 -27.83 -5.70 -2.87
C GLN C 57 -27.03 -6.98 -2.71
N GLY C 58 -25.72 -6.88 -2.84
CA GLY C 58 -24.83 -8.02 -2.75
C GLY C 58 -24.72 -8.62 -1.37
N CYS C 59 -25.12 -7.88 -0.33
CA CYS C 59 -25.03 -8.36 1.04
C CYS C 59 -26.24 -9.25 1.35
N SER C 60 -25.96 -10.48 1.80
CA SER C 60 -26.96 -11.49 2.15
C SER C 60 -27.95 -11.06 3.22
N TYR C 61 -27.49 -10.27 4.23
CA TYR C 61 -28.33 -9.77 5.33
C TYR C 61 -29.33 -8.71 4.93
N ILE C 62 -29.19 -8.10 3.73
CA ILE C 62 -30.09 -7.03 3.28
C ILE C 62 -31.30 -7.60 2.55
N SER C 63 -32.53 -7.30 3.04
CA SER C 63 -33.78 -7.75 2.41
C SER C 63 -34.17 -6.84 1.24
N LYS C 64 -34.13 -5.53 1.46
CA LYS C 64 -34.50 -4.50 0.47
C LYS C 64 -33.57 -3.30 0.52
N VAL C 65 -33.39 -2.66 -0.66
CA VAL C 65 -32.55 -1.47 -0.83
C VAL C 65 -33.44 -0.33 -1.25
N PHE C 66 -33.42 0.76 -0.47
CA PHE C 66 -34.20 1.96 -0.76
C PHE C 66 -33.27 3.13 -0.95
N VAL C 67 -33.58 3.96 -1.93
CA VAL C 67 -32.87 5.19 -2.21
C VAL C 67 -33.86 6.31 -1.90
N SER C 68 -33.55 7.18 -0.91
CA SER C 68 -34.39 8.36 -0.65
C SER C 68 -33.81 9.54 -1.45
N THR C 69 -34.62 10.09 -2.36
CA THR C 69 -34.18 11.16 -3.27
C THR C 69 -35.27 12.15 -3.69
N ASP C 70 -34.86 13.38 -4.02
CA ASP C 70 -35.74 14.42 -4.54
C ASP C 70 -35.46 14.56 -6.07
N ASP C 71 -34.49 13.80 -6.60
CA ASP C 71 -34.00 13.94 -7.97
C ASP C 71 -34.46 12.89 -8.98
N TYR C 72 -34.88 13.34 -10.16
CA TYR C 72 -35.32 12.47 -11.26
C TYR C 72 -34.22 11.52 -11.75
N GLU C 73 -33.03 12.06 -12.03
CA GLU C 73 -31.89 11.27 -12.53
C GLU C 73 -31.49 10.17 -11.57
N ILE C 74 -31.24 10.51 -10.27
CA ILE C 74 -30.91 9.58 -9.19
C ILE C 74 -31.98 8.47 -9.11
N ALA C 75 -33.29 8.85 -9.16
CA ALA C 75 -34.41 7.90 -9.09
C ALA C 75 -34.43 6.94 -10.27
N LYS C 76 -34.12 7.46 -11.50
CA LYS C 76 -34.07 6.69 -12.72
C LYS C 76 -32.91 5.67 -12.66
N ILE C 77 -31.71 6.14 -12.26
CA ILE C 77 -30.54 5.28 -12.09
C ILE C 77 -30.82 4.20 -11.05
N SER C 78 -31.36 4.59 -9.88
CA SER C 78 -31.70 3.68 -8.77
C SER C 78 -32.69 2.60 -9.19
N GLU C 79 -33.86 2.98 -9.78
CA GLU C 79 -34.88 2.02 -10.27
C GLU C 79 -34.26 1.08 -11.31
N GLY C 80 -33.43 1.65 -12.19
CA GLY C 80 -32.71 0.95 -13.24
C GLY C 80 -31.74 -0.08 -12.71
N LEU C 81 -31.20 0.14 -11.50
CA LEU C 81 -30.28 -0.80 -10.86
C LEU C 81 -31.04 -1.75 -9.94
N GLY C 82 -32.37 -1.62 -9.89
CA GLY C 82 -33.20 -2.47 -9.06
C GLY C 82 -33.55 -1.99 -7.66
N ALA C 83 -33.06 -0.83 -7.25
CA ALA C 83 -33.39 -0.30 -5.93
C ALA C 83 -34.80 0.33 -5.91
N LEU C 84 -35.43 0.37 -4.72
CA LEU C 84 -36.76 0.98 -4.57
C LEU C 84 -36.56 2.47 -4.26
N VAL C 85 -37.46 3.33 -4.74
CA VAL C 85 -37.29 4.77 -4.55
C VAL C 85 -38.26 5.33 -3.53
N ILE C 86 -37.72 6.07 -2.55
CA ILE C 86 -38.49 6.83 -1.59
C ILE C 86 -38.39 8.26 -2.13
N ASN C 87 -39.50 8.82 -2.61
CA ASN C 87 -39.54 10.19 -3.12
C ASN C 87 -39.47 11.14 -1.93
N ARG C 88 -38.37 11.87 -1.80
CA ARG C 88 -38.13 12.78 -0.69
C ARG C 88 -38.73 14.19 -0.86
N PRO C 89 -39.41 14.74 0.19
CA PRO C 89 -39.94 16.11 0.08
C PRO C 89 -38.83 17.16 0.01
N GLU C 90 -39.10 18.27 -0.72
CA GLU C 90 -38.21 19.42 -0.95
C GLU C 90 -37.48 19.90 0.31
N GLU C 91 -38.23 20.07 1.42
CA GLU C 91 -37.75 20.53 2.73
C GLU C 91 -36.62 19.68 3.30
N LEU C 92 -36.63 18.39 2.94
CA LEU C 92 -35.65 17.43 3.42
C LEU C 92 -34.44 17.28 2.49
N ALA C 93 -34.42 18.03 1.37
CA ALA C 93 -33.34 18.00 0.38
C ALA C 93 -32.56 19.32 0.31
N THR C 94 -32.85 20.24 1.25
CA THR C 94 -32.19 21.55 1.35
C THR C 94 -30.82 21.40 2.01
N ASP C 95 -29.97 22.48 1.95
CA ASP C 95 -28.63 22.52 2.56
C ASP C 95 -28.75 22.55 4.09
N THR C 96 -29.90 23.00 4.59
CA THR C 96 -30.19 23.12 6.02
C THR C 96 -30.81 21.84 6.62
N ALA C 97 -31.42 20.97 5.76
CA ALA C 97 -32.07 19.72 6.14
C ALA C 97 -31.15 18.81 6.94
N SER C 98 -31.71 18.37 8.07
CA SER C 98 -31.10 17.51 9.08
C SER C 98 -31.06 16.07 8.64
N SER C 99 -30.02 15.34 9.09
CA SER C 99 -29.85 13.91 8.83
C SER C 99 -30.98 13.13 9.52
N ILE C 100 -31.31 13.51 10.77
CA ILE C 100 -32.36 12.92 11.61
C ILE C 100 -33.71 12.97 10.88
N ASP C 101 -34.08 14.14 10.38
CA ASP C 101 -35.34 14.32 9.68
C ASP C 101 -35.45 13.48 8.41
N VAL C 102 -34.33 13.33 7.66
CA VAL C 102 -34.26 12.50 6.44
C VAL C 102 -34.55 11.04 6.80
N ILE C 103 -33.90 10.55 7.88
CA ILE C 103 -34.02 9.20 8.41
C ILE C 103 -35.44 8.94 8.95
N LEU C 104 -35.98 9.87 9.75
CA LEU C 104 -37.33 9.76 10.32
C LEU C 104 -38.37 9.68 9.23
N HIS C 105 -38.18 10.46 8.15
CA HIS C 105 -39.07 10.40 6.99
C HIS C 105 -39.04 9.02 6.36
N ALA C 106 -37.80 8.45 6.15
CA ALA C 106 -37.64 7.13 5.54
C ALA C 106 -38.24 6.07 6.41
N ILE C 107 -38.05 6.16 7.76
CA ILE C 107 -38.63 5.23 8.75
C ILE C 107 -40.16 5.24 8.61
N SER C 108 -40.75 6.45 8.60
CA SER C 108 -42.18 6.67 8.45
C SER C 108 -42.69 6.08 7.14
N TRP C 109 -42.01 6.41 5.99
CA TRP C 109 -42.35 5.87 4.65
C TRP C 109 -42.36 4.35 4.71
N LEU C 110 -41.26 3.73 5.22
CA LEU C 110 -41.13 2.26 5.32
C LEU C 110 -42.23 1.61 6.16
N GLU C 111 -42.59 2.22 7.28
CA GLU C 111 -43.63 1.70 8.16
C GLU C 111 -45.02 1.77 7.53
N GLN C 112 -45.26 2.72 6.61
CA GLN C 112 -46.54 2.87 5.89
C GLN C 112 -46.59 2.06 4.58
N LYS C 113 -45.51 2.10 3.79
CA LYS C 113 -45.41 1.51 2.45
C LYS C 113 -44.76 0.10 2.40
N GLU C 114 -44.30 -0.47 3.53
CA GLU C 114 -43.67 -1.81 3.55
C GLU C 114 -44.22 -2.74 4.62
N VAL C 115 -44.78 -3.89 4.17
CA VAL C 115 -45.37 -4.94 5.02
C VAL C 115 -44.36 -5.59 5.95
N GLN C 116 -43.12 -5.79 5.47
CA GLN C 116 -42.08 -6.40 6.28
C GLN C 116 -41.63 -5.37 7.34
N LYS C 117 -41.48 -5.86 8.58
CA LYS C 117 -41.00 -5.08 9.71
C LYS C 117 -39.50 -5.36 9.75
N TYR C 118 -38.69 -4.31 9.80
CA TYR C 118 -37.24 -4.48 9.86
C TYR C 118 -36.74 -4.13 11.27
N GLU C 119 -35.78 -4.89 11.79
CA GLU C 119 -35.20 -4.61 13.09
C GLU C 119 -34.13 -3.51 12.94
N GLY C 120 -33.36 -3.63 11.89
CA GLY C 120 -32.27 -2.69 11.63
C GLY C 120 -32.27 -2.04 10.29
N MET C 121 -31.75 -0.82 10.26
CA MET C 121 -31.61 -0.01 9.04
C MET C 121 -30.13 0.16 8.82
N ILE C 122 -29.71 0.00 7.58
CA ILE C 122 -28.31 0.15 7.21
C ILE C 122 -28.32 1.33 6.28
N LEU C 123 -27.94 2.46 6.84
CA LEU C 123 -27.87 3.72 6.17
C LEU C 123 -26.48 3.80 5.57
N LEU C 124 -26.47 4.03 4.24
CA LEU C 124 -25.30 4.04 3.40
C LEU C 124 -25.22 5.29 2.56
N GLN C 125 -24.04 5.91 2.53
CA GLN C 125 -23.81 7.11 1.75
C GLN C 125 -23.25 6.79 0.37
N PRO C 126 -23.83 7.40 -0.68
CA PRO C 126 -23.34 7.15 -2.04
C PRO C 126 -21.92 7.66 -2.28
N THR C 127 -21.37 8.52 -1.38
CA THR C 127 -20.05 9.12 -1.50
C THR C 127 -18.93 8.22 -0.99
N SER C 128 -19.26 6.96 -0.59
CA SER C 128 -18.30 5.94 -0.11
C SER C 128 -18.29 4.74 -1.08
N PRO C 129 -17.83 4.89 -2.35
CA PRO C 129 -17.87 3.76 -3.29
C PRO C 129 -16.91 2.58 -3.04
N LEU C 130 -15.92 2.75 -2.15
CA LEU C 130 -14.97 1.70 -1.81
C LEU C 130 -15.50 0.83 -0.65
N ARG C 131 -16.72 1.14 -0.16
CA ARG C 131 -17.37 0.31 0.86
C ARG C 131 -18.26 -0.68 0.10
N THR C 132 -17.99 -1.99 0.32
CA THR C 132 -18.51 -3.16 -0.36
C THR C 132 -19.52 -3.97 0.46
N SER C 133 -20.10 -5.00 -0.19
CA SER C 133 -21.03 -5.96 0.42
C SER C 133 -20.37 -6.63 1.62
N HIS C 134 -19.06 -6.91 1.51
CA HIS C 134 -18.29 -7.56 2.55
C HIS C 134 -18.23 -6.71 3.79
N HIS C 135 -18.01 -5.39 3.62
CA HIS C 135 -17.98 -4.42 4.72
C HIS C 135 -19.32 -4.37 5.42
N ILE C 136 -20.44 -4.35 4.65
CA ILE C 136 -21.81 -4.31 5.20
C ILE C 136 -22.09 -5.59 6.01
N LYS C 137 -21.74 -6.76 5.44
CA LYS C 137 -21.88 -8.07 6.09
C LYS C 137 -21.19 -8.07 7.45
N GLU C 138 -19.92 -7.65 7.50
CA GLU C 138 -19.10 -7.60 8.71
C GLU C 138 -19.64 -6.63 9.75
N ALA C 139 -20.18 -5.47 9.31
CA ALA C 139 -20.77 -4.46 10.20
C ALA C 139 -22.02 -5.03 10.85
N ILE C 140 -22.83 -5.81 10.07
CA ILE C 140 -24.05 -6.45 10.60
C ILE C 140 -23.68 -7.58 11.58
N GLU C 141 -22.61 -8.34 11.27
CA GLU C 141 -22.13 -9.40 12.14
C GLU C 141 -21.70 -8.85 13.48
N LEU C 142 -20.99 -7.71 13.48
CA LEU C 142 -20.52 -7.01 14.69
C LEU C 142 -21.72 -6.52 15.47
N TYR C 143 -22.70 -5.94 14.76
CA TYR C 143 -23.96 -5.45 15.30
C TYR C 143 -24.68 -6.56 16.09
N GLU C 144 -24.77 -7.77 15.50
CA GLU C 144 -25.40 -8.92 16.18
C GLU C 144 -24.56 -9.47 17.36
N LYS C 145 -23.24 -9.67 17.13
CA LYS C 145 -22.30 -10.21 18.12
C LYS C 145 -22.22 -9.38 19.43
N THR C 146 -22.27 -8.05 19.31
CA THR C 146 -22.14 -7.14 20.45
C THR C 146 -23.47 -6.75 21.03
N ALA C 147 -24.59 -7.13 20.39
CA ALA C 147 -25.96 -6.72 20.78
C ALA C 147 -26.03 -5.17 20.82
N ALA C 148 -25.40 -4.54 19.81
CA ALA C 148 -25.29 -3.11 19.66
C ALA C 148 -26.62 -2.47 19.36
N LYS C 149 -26.76 -1.18 19.70
CA LYS C 149 -27.95 -0.40 19.33
C LYS C 149 -27.57 0.32 18.05
N PHE C 150 -26.26 0.50 17.83
CA PHE C 150 -25.69 1.24 16.72
C PHE C 150 -24.26 0.80 16.40
N VAL C 151 -23.99 0.57 15.11
CA VAL C 151 -22.69 0.23 14.56
C VAL C 151 -22.36 1.27 13.49
N ILE C 152 -21.21 1.91 13.62
CA ILE C 152 -20.78 2.94 12.70
C ILE C 152 -19.43 2.59 12.16
N SER C 153 -19.26 2.68 10.83
CA SER C 153 -17.98 2.41 10.21
C SER C 153 -17.06 3.60 10.46
N VAL C 154 -15.86 3.29 10.96
CA VAL C 154 -14.81 4.21 11.38
C VAL C 154 -13.47 3.75 10.83
N PHE C 155 -12.47 4.60 10.97
CA PHE C 155 -11.07 4.31 10.68
C PHE C 155 -10.21 5.01 11.74
N GLU C 156 -8.99 4.50 11.99
CA GLU C 156 -7.99 5.13 12.86
C GLU C 156 -7.10 5.98 11.92
N PRO C 157 -7.22 7.31 11.95
CA PRO C 157 -6.41 8.11 11.00
C PRO C 157 -4.92 8.09 11.37
N THR C 158 -4.06 8.36 10.38
CA THR C 158 -2.60 8.47 10.56
C THR C 158 -2.27 9.54 11.62
N HIS C 159 -2.96 10.70 11.54
CA HIS C 159 -2.91 11.78 12.53
C HIS C 159 -4.14 11.52 13.41
N THR C 160 -3.95 10.94 14.60
CA THR C 160 -5.08 10.63 15.47
C THR C 160 -5.84 11.87 15.93
N PRO C 161 -7.22 11.84 15.90
CA PRO C 161 -8.01 13.00 16.32
C PRO C 161 -7.81 13.43 17.77
N ILE C 162 -7.31 12.52 18.62
CA ILE C 162 -7.06 12.85 20.02
C ILE C 162 -5.84 13.82 20.14
N LYS C 163 -5.03 13.94 19.06
CA LYS C 163 -3.85 14.85 19.04
C LYS C 163 -4.12 16.12 18.22
N SER C 164 -5.36 16.30 17.77
CA SER C 164 -5.74 17.46 16.99
C SER C 164 -5.94 18.69 17.83
N TYR C 165 -6.00 19.84 17.14
CA TYR C 165 -6.21 21.11 17.77
C TYR C 165 -7.59 21.60 17.46
N LEU C 166 -8.15 22.28 18.43
CA LEU C 166 -9.46 22.91 18.34
C LEU C 166 -9.19 24.40 18.26
N GLU C 167 -9.82 25.04 17.30
CA GLU C 167 -9.69 26.47 17.11
C GLU C 167 -10.63 27.13 18.06
N ASN C 168 -10.11 28.05 18.89
CA ASN C 168 -10.93 28.84 19.79
C ASN C 168 -11.43 30.04 18.99
N ASP C 169 -12.55 30.66 19.40
CA ASP C 169 -13.13 31.84 18.74
C ASP C 169 -12.17 33.05 18.71
N ASP C 170 -11.17 33.11 19.60
CA ASP C 170 -10.20 34.21 19.58
C ASP C 170 -9.07 34.00 18.51
N GLY C 171 -9.16 32.89 17.76
CA GLY C 171 -8.22 32.53 16.71
C GLY C 171 -7.11 31.60 17.15
N THR C 172 -6.92 31.42 18.47
CA THR C 172 -5.86 30.54 18.99
C THR C 172 -6.26 29.08 18.81
N ILE C 173 -5.30 28.19 19.03
CA ILE C 173 -5.52 26.75 18.97
C ILE C 173 -4.96 26.11 20.21
N SER C 174 -5.64 25.07 20.67
CA SER C 174 -5.30 24.24 21.81
C SER C 174 -5.82 22.85 21.49
N GLY C 175 -5.20 21.84 22.07
CA GLY C 175 -5.61 20.45 21.87
C GLY C 175 -7.07 20.19 22.16
N LEU C 176 -7.75 19.55 21.19
CA LEU C 176 -9.17 19.21 21.25
C LEU C 176 -9.49 18.35 22.48
N TYR C 177 -8.60 17.40 22.81
CA TYR C 177 -8.75 16.53 23.97
C TYR C 177 -8.25 17.19 25.25
N SER C 178 -6.99 17.63 25.26
CA SER C 178 -6.35 18.34 26.36
C SER C 178 -5.28 19.22 25.77
N ASN C 179 -4.79 20.13 26.59
CA ASN C 179 -3.76 21.07 26.19
C ASN C 179 -2.42 20.36 25.97
N GLU C 180 -2.25 19.22 26.64
CA GLU C 180 -1.04 18.41 26.56
C GLU C 180 -1.07 17.32 25.49
N ALA C 181 -2.27 16.86 25.11
CA ALA C 181 -2.53 15.77 24.16
C ALA C 181 -1.76 15.86 22.81
N PRO C 182 -1.67 17.03 22.09
CA PRO C 182 -0.92 17.04 20.79
C PRO C 182 0.57 16.77 20.90
N TYR C 183 1.11 16.74 22.14
CA TYR C 183 2.53 16.51 22.44
C TYR C 183 2.77 15.20 23.12
N GLN C 184 1.69 14.41 23.37
CA GLN C 184 1.78 13.10 24.00
C GLN C 184 1.84 11.98 22.97
N ARG C 185 2.36 10.80 23.36
CA ARG C 185 2.40 9.63 22.48
C ARG C 185 0.99 9.13 22.34
N ARG C 186 0.61 8.75 21.11
CA ARG C 186 -0.71 8.21 20.73
C ARG C 186 -1.07 7.01 21.63
N GLN C 187 -0.04 6.24 22.01
CA GLN C 187 -0.07 5.05 22.85
C GLN C 187 -0.58 5.37 24.24
N ASP C 188 -0.23 6.56 24.77
CA ASP C 188 -0.53 7.03 26.13
C ASP C 188 -1.84 7.81 26.25
N LEU C 189 -2.62 7.83 25.17
CA LEU C 189 -3.90 8.52 25.14
C LEU C 189 -5.03 7.55 24.80
N PRO C 190 -6.30 7.84 25.19
CA PRO C 190 -7.39 6.92 24.79
C PRO C 190 -7.50 6.81 23.26
N ARG C 191 -8.03 5.67 22.76
CA ARG C 191 -8.13 5.44 21.32
C ARG C 191 -9.20 6.30 20.65
N ALA C 192 -8.86 6.88 19.47
CA ALA C 192 -9.82 7.66 18.70
C ALA C 192 -10.09 7.03 17.34
N TYR C 193 -11.37 7.14 16.95
CA TYR C 193 -11.86 6.71 15.65
C TYR C 193 -12.56 7.83 14.96
N GLN C 194 -12.44 7.88 13.65
CA GLN C 194 -13.07 8.89 12.84
C GLN C 194 -14.12 8.19 12.00
N PRO C 195 -15.42 8.61 12.06
CA PRO C 195 -16.42 8.00 11.18
C PRO C 195 -16.06 8.29 9.72
N ASN C 196 -16.27 7.34 8.83
CA ASN C 196 -15.96 7.57 7.43
C ASN C 196 -17.20 7.86 6.59
N GLY C 197 -18.38 7.77 7.21
CA GLY C 197 -19.69 8.02 6.58
C GLY C 197 -20.22 6.88 5.72
N ALA C 198 -19.52 5.74 5.68
CA ALA C 198 -19.84 4.60 4.82
C ALA C 198 -21.03 3.77 5.27
N ILE C 199 -21.09 3.47 6.60
CA ILE C 199 -22.13 2.62 7.19
C ILE C 199 -22.58 3.16 8.53
N TYR C 200 -23.90 3.16 8.73
CA TYR C 200 -24.63 3.48 9.95
C TYR C 200 -25.66 2.34 10.07
N ALA C 201 -25.43 1.39 10.98
CA ALA C 201 -26.32 0.24 11.24
C ALA C 201 -26.96 0.43 12.59
N PHE C 202 -28.27 0.69 12.58
CA PHE C 202 -28.96 0.96 13.84
C PHE C 202 -30.31 0.31 13.94
N SER C 203 -30.75 0.07 15.18
CA SER C 203 -32.05 -0.43 15.55
C SER C 203 -33.07 0.67 15.18
N ILE C 204 -34.01 0.36 14.27
CA ILE C 204 -35.01 1.34 13.86
C ILE C 204 -35.75 1.83 15.12
N ASP C 205 -36.22 0.89 15.96
CA ASP C 205 -36.93 1.14 17.21
C ASP C 205 -36.18 2.08 18.13
N GLU C 206 -34.85 1.86 18.28
CA GLU C 206 -33.99 2.72 19.11
C GLU C 206 -33.88 4.16 18.58
N PHE C 207 -33.75 4.31 17.26
CA PHE C 207 -33.65 5.61 16.62
C PHE C 207 -34.98 6.36 16.81
N LYS C 208 -36.15 5.65 16.64
CA LYS C 208 -37.50 6.24 16.82
C LYS C 208 -37.71 6.66 18.26
N LEU C 209 -37.22 5.88 19.22
CA LEU C 209 -37.39 6.14 20.65
C LEU C 209 -36.72 7.46 21.06
N ASN C 210 -35.48 7.66 20.57
CA ASN C 210 -34.65 8.84 20.88
C ASN C 210 -34.86 10.05 19.96
N ASN C 211 -35.43 9.84 18.75
CA ASN C 211 -35.60 10.85 17.70
C ASN C 211 -34.24 11.38 17.22
N HIS C 212 -33.20 10.51 17.30
CA HIS C 212 -31.80 10.72 16.95
C HIS C 212 -31.04 9.40 17.00
N PHE C 213 -29.78 9.37 16.56
CA PHE C 213 -28.93 8.19 16.59
C PHE C 213 -28.74 7.68 18.00
N PRO C 214 -28.71 6.35 18.25
CA PRO C 214 -28.47 5.88 19.64
C PRO C 214 -27.20 6.49 20.25
N ARG C 215 -27.24 6.75 21.56
CA ARG C 215 -26.08 7.30 22.28
C ARG C 215 -25.33 6.19 22.99
N ASN C 216 -26.06 5.15 23.40
CA ASN C 216 -25.51 4.00 24.13
C ASN C 216 -25.44 2.75 23.27
N LYS C 217 -24.57 1.81 23.65
CA LYS C 217 -24.36 0.52 22.97
C LYS C 217 -23.96 0.77 21.52
N VAL C 218 -23.07 1.77 21.35
CA VAL C 218 -22.54 2.18 20.04
C VAL C 218 -21.18 1.53 19.90
N PHE C 219 -21.00 0.69 18.87
CA PHE C 219 -19.77 -0.01 18.62
C PHE C 219 -19.15 0.39 17.28
N PRO C 220 -17.81 0.46 17.20
CA PRO C 220 -17.19 0.82 15.91
C PRO C 220 -16.89 -0.37 14.98
N TYR C 221 -17.18 -0.23 13.68
CA TYR C 221 -16.78 -1.22 12.69
C TYR C 221 -15.58 -0.57 12.01
N VAL C 222 -14.38 -1.06 12.35
CA VAL C 222 -13.11 -0.50 11.91
C VAL C 222 -12.77 -0.93 10.46
N MET C 223 -12.52 0.07 9.60
CA MET C 223 -12.13 -0.05 8.20
C MET C 223 -10.77 0.64 8.07
N SER C 224 -10.07 0.44 6.96
CA SER C 224 -8.77 1.07 6.76
C SER C 224 -9.02 2.46 6.20
N GLU C 225 -8.00 3.33 6.26
CA GLU C 225 -8.04 4.68 5.72
C GLU C 225 -8.28 4.66 4.21
N VAL C 226 -7.63 3.71 3.50
CA VAL C 226 -7.72 3.53 2.06
C VAL C 226 -9.18 3.25 1.63
N GLU C 227 -9.89 2.38 2.35
CA GLU C 227 -11.27 2.05 2.03
C GLU C 227 -12.23 3.17 2.44
N SER C 228 -11.77 4.00 3.40
CA SER C 228 -12.52 5.12 3.95
C SER C 228 -12.64 6.37 3.03
N ALA C 229 -12.16 6.27 1.78
CA ALA C 229 -12.23 7.34 0.78
C ALA C 229 -13.65 7.89 0.51
N ASP C 230 -13.77 9.20 0.54
CA ASP C 230 -15.02 9.95 0.40
C ASP C 230 -14.97 10.81 -0.89
N ILE C 231 -16.03 10.79 -1.73
CA ILE C 231 -16.08 11.62 -2.93
C ILE C 231 -16.68 13.00 -2.63
N ASP C 232 -15.90 14.08 -2.86
CA ASP C 232 -16.30 15.48 -2.65
C ASP C 232 -16.02 16.33 -3.88
N THR C 233 -14.99 16.00 -4.65
CA THR C 233 -14.53 16.76 -5.83
C THR C 233 -14.35 15.85 -7.05
N LEU C 234 -14.14 16.42 -8.26
CA LEU C 234 -13.86 15.64 -9.45
C LEU C 234 -12.45 15.00 -9.38
N GLU C 235 -11.57 15.56 -8.54
CA GLU C 235 -10.21 15.02 -8.35
C GLU C 235 -10.31 13.73 -7.55
N ASP C 236 -11.09 13.72 -6.44
CA ASP C 236 -11.37 12.53 -5.60
C ASP C 236 -11.91 11.40 -6.49
N LEU C 237 -12.89 11.76 -7.32
CA LEU C 237 -13.50 10.83 -8.24
C LEU C 237 -12.48 10.28 -9.24
N ARG C 238 -11.60 11.16 -9.78
CA ARG C 238 -10.56 10.82 -10.76
C ARG C 238 -9.55 9.85 -10.14
N LYS C 239 -9.20 10.06 -8.84
CA LYS C 239 -8.25 9.25 -8.08
C LYS C 239 -8.80 7.85 -7.85
N VAL C 240 -10.11 7.73 -7.48
CA VAL C 240 -10.76 6.44 -7.25
C VAL C 240 -10.90 5.70 -8.60
N GLU C 241 -11.26 6.42 -9.70
CA GLU C 241 -11.38 5.82 -11.05
C GLU C 241 -10.05 5.17 -11.51
N GLU C 242 -8.90 5.83 -11.22
CA GLU C 242 -7.55 5.32 -11.50
C GLU C 242 -7.25 4.15 -10.56
N GLN C 243 -7.60 4.32 -9.23
CA GLN C 243 -7.44 3.36 -8.13
C GLN C 243 -8.31 2.07 -8.34
N LEU C 244 -9.22 2.05 -9.34
CA LEU C 244 -10.09 0.91 -9.63
C LEU C 244 -9.48 0.02 -10.70
N ASN D 20 14.56 41.67 14.98
CA ASN D 20 13.70 40.53 15.27
C ASN D 20 14.08 39.34 14.36
N GLU D 21 15.34 38.90 14.52
CA GLU D 21 16.02 37.82 13.80
C GLU D 21 15.33 36.44 13.84
N TYR D 22 15.37 35.72 12.71
CA TYR D 22 14.90 34.34 12.61
C TYR D 22 15.96 33.44 12.02
N VAL D 23 16.10 32.28 12.65
CA VAL D 23 17.01 31.23 12.17
C VAL D 23 16.17 30.02 11.76
N ALA D 24 16.50 29.41 10.60
CA ALA D 24 15.83 28.19 10.16
C ALA D 24 16.64 26.99 10.62
N LEU D 25 15.94 25.99 11.19
CA LEU D 25 16.55 24.74 11.63
C LEU D 25 15.87 23.61 10.89
N ILE D 26 16.66 22.83 10.18
CA ILE D 26 16.20 21.69 9.41
C ILE D 26 16.79 20.46 10.09
N THR D 27 15.93 19.61 10.63
CA THR D 27 16.39 18.42 11.32
C THR D 27 16.27 17.21 10.41
N ALA D 28 17.40 16.56 10.12
CA ALA D 28 17.46 15.37 9.27
C ALA D 28 18.40 14.33 9.87
N ARG D 29 17.85 13.23 10.38
CA ARG D 29 18.65 12.13 10.95
C ARG D 29 18.80 11.01 9.92
N LYS D 38 13.70 8.82 2.73
CA LYS D 38 14.98 9.46 3.06
C LYS D 38 15.09 10.87 2.46
N ASN D 39 15.72 11.78 3.22
CA ASN D 39 15.93 13.19 2.88
C ASN D 39 16.85 13.42 1.68
N VAL D 40 17.62 12.42 1.29
CA VAL D 40 18.54 12.54 0.17
C VAL D 40 17.91 12.03 -1.16
N LEU D 41 16.74 11.38 -1.06
CA LEU D 41 16.04 10.79 -2.23
C LEU D 41 15.65 11.82 -3.26
N PRO D 42 15.83 11.53 -4.56
CA PRO D 42 15.46 12.51 -5.60
C PRO D 42 13.97 12.77 -5.71
N LEU D 43 13.65 14.05 -5.80
CA LEU D 43 12.28 14.51 -6.00
C LEU D 43 12.37 15.65 -6.99
N HIS D 44 11.88 15.39 -8.21
CA HIS D 44 11.84 16.33 -9.33
C HIS D 44 13.19 17.08 -9.56
N GLY D 45 14.28 16.30 -9.57
CA GLY D 45 15.63 16.78 -9.84
C GLY D 45 16.52 17.24 -8.69
N ILE D 46 15.96 17.36 -7.47
CA ILE D 46 16.68 17.82 -6.28
C ILE D 46 16.59 16.76 -5.14
N PRO D 47 17.65 16.51 -4.34
CA PRO D 47 17.48 15.62 -3.17
C PRO D 47 16.37 16.21 -2.29
N LEU D 48 15.48 15.36 -1.72
CA LEU D 48 14.35 15.80 -0.91
C LEU D 48 14.62 17.02 -0.01
N ILE D 49 15.70 16.97 0.79
CA ILE D 49 16.09 18.01 1.74
C ILE D 49 16.32 19.39 1.05
N GLY D 50 16.77 19.36 -0.21
CA GLY D 50 17.04 20.56 -1.00
C GLY D 50 15.83 21.45 -1.17
N TRP D 51 14.64 20.85 -1.33
CA TRP D 51 13.39 21.61 -1.45
C TRP D 51 13.14 22.46 -0.20
N THR D 52 13.43 21.89 1.01
CA THR D 52 13.23 22.59 2.27
C THR D 52 14.33 23.62 2.46
N ILE D 53 15.60 23.27 2.21
CA ILE D 53 16.74 24.22 2.33
C ILE D 53 16.42 25.50 1.51
N LYS D 54 16.01 25.31 0.26
CA LYS D 54 15.70 26.39 -0.68
C LYS D 54 14.50 27.20 -0.27
N ALA D 55 13.49 26.54 0.34
CA ALA D 55 12.31 27.22 0.84
C ALA D 55 12.73 28.17 2.00
N ALA D 56 13.62 27.73 2.88
CA ALA D 56 14.11 28.52 4.01
C ALA D 56 14.97 29.70 3.49
N GLN D 57 15.91 29.40 2.56
CA GLN D 57 16.80 30.38 1.96
C GLN D 57 16.04 31.44 1.19
N GLY D 58 15.00 31.03 0.47
CA GLY D 58 14.18 31.94 -0.33
C GLY D 58 13.35 32.93 0.48
N CYS D 59 13.14 32.64 1.76
CA CYS D 59 12.34 33.51 2.60
C CYS D 59 13.17 34.66 3.15
N SER D 60 12.71 35.88 2.91
CA SER D 60 13.35 37.14 3.34
C SER D 60 13.58 37.27 4.83
N TYR D 61 12.66 36.74 5.67
CA TYR D 61 12.74 36.77 7.13
C TYR D 61 13.80 35.87 7.74
N ILE D 62 14.33 34.91 6.96
CA ILE D 62 15.34 33.96 7.45
C ILE D 62 16.75 34.52 7.28
N SER D 63 17.51 34.64 8.38
CA SER D 63 18.89 35.15 8.35
C SER D 63 19.87 34.04 7.98
N LYS D 64 19.74 32.86 8.60
CA LYS D 64 20.59 31.69 8.36
C LYS D 64 19.78 30.39 8.38
N VAL D 65 20.26 29.39 7.62
CA VAL D 65 19.67 28.07 7.47
C VAL D 65 20.65 27.04 8.00
N PHE D 66 20.22 26.28 9.00
CA PHE D 66 21.04 25.25 9.60
C PHE D 66 20.37 23.93 9.42
N VAL D 67 21.18 22.92 9.11
CA VAL D 67 20.75 21.54 8.96
C VAL D 67 21.42 20.79 10.10
N SER D 68 20.62 20.27 11.03
CA SER D 68 21.13 19.46 12.12
C SER D 68 21.03 18.04 11.60
N THR D 69 22.21 17.39 11.41
CA THR D 69 22.38 16.04 10.88
C THR D 69 23.60 15.34 11.47
N ASP D 70 23.50 14.00 11.57
CA ASP D 70 24.53 13.06 12.05
C ASP D 70 25.16 12.32 10.85
N ASP D 71 24.63 12.57 9.64
CA ASP D 71 24.98 11.88 8.40
C ASP D 71 25.90 12.64 7.45
N TYR D 72 26.92 11.95 6.92
CA TYR D 72 27.90 12.51 5.98
C TYR D 72 27.24 12.98 4.66
N GLU D 73 26.39 12.13 4.04
CA GLU D 73 25.69 12.43 2.79
C GLU D 73 24.80 13.67 2.92
N ILE D 74 23.91 13.70 3.93
CA ILE D 74 23.01 14.83 4.24
C ILE D 74 23.83 16.11 4.41
N ALA D 75 24.93 16.05 5.18
CA ALA D 75 25.83 17.18 5.43
C ALA D 75 26.46 17.71 4.14
N LYS D 76 26.89 16.79 3.24
CA LYS D 76 27.51 17.11 1.94
C LYS D 76 26.49 17.80 1.02
N ILE D 77 25.28 17.24 0.91
CA ILE D 77 24.18 17.83 0.13
C ILE D 77 23.83 19.22 0.68
N SER D 78 23.66 19.33 2.02
CA SER D 78 23.34 20.59 2.71
C SER D 78 24.36 21.67 2.48
N GLU D 79 25.67 21.40 2.73
CA GLU D 79 26.77 22.34 2.50
C GLU D 79 26.82 22.75 1.03
N GLY D 80 26.61 21.78 0.13
CA GLY D 80 26.56 21.96 -1.31
C GLY D 80 25.46 22.92 -1.73
N LEU D 81 24.32 22.92 -1.01
CA LEU D 81 23.20 23.84 -1.29
C LEU D 81 23.35 25.16 -0.54
N GLY D 82 24.43 25.25 0.23
CA GLY D 82 24.82 26.43 0.99
C GLY D 82 24.46 26.45 2.46
N ALA D 83 23.57 25.56 2.90
CA ALA D 83 23.15 25.55 4.30
C ALA D 83 24.31 25.26 5.24
N LEU D 84 24.21 25.73 6.50
CA LEU D 84 25.25 25.49 7.50
C LEU D 84 24.93 24.19 8.20
N VAL D 85 25.95 23.42 8.58
CA VAL D 85 25.72 22.11 9.18
C VAL D 85 25.99 22.11 10.68
N ILE D 86 25.01 21.61 11.46
CA ILE D 86 25.08 21.38 12.89
C ILE D 86 25.35 19.87 12.99
N ASN D 87 26.58 19.47 13.39
CA ASN D 87 26.95 18.07 13.52
C ASN D 87 26.28 17.54 14.77
N ARG D 88 25.29 16.66 14.58
CA ARG D 88 24.48 16.10 15.65
C ARG D 88 25.11 14.84 16.27
N PRO D 89 25.23 14.81 17.62
CA PRO D 89 25.78 13.62 18.29
C PRO D 89 24.86 12.40 18.12
N GLU D 90 25.48 11.21 18.02
CA GLU D 90 24.83 9.91 17.81
C GLU D 90 23.60 9.69 18.68
N GLU D 91 23.72 9.98 20.00
CA GLU D 91 22.66 9.85 21.02
C GLU D 91 21.38 10.62 20.68
N LEU D 92 21.53 11.75 19.98
CA LEU D 92 20.43 12.63 19.59
C LEU D 92 19.84 12.28 18.22
N ALA D 93 20.38 11.25 17.55
CA ALA D 93 19.91 10.80 16.23
C ALA D 93 19.29 9.41 16.26
N THR D 94 19.10 8.85 17.48
CA THR D 94 18.51 7.52 17.70
C THR D 94 16.99 7.57 17.58
N ASP D 95 16.34 6.39 17.53
CA ASP D 95 14.89 6.22 17.47
C ASP D 95 14.23 6.66 18.78
N THR D 96 15.01 6.65 19.89
CA THR D 96 14.58 7.03 21.24
C THR D 96 14.78 8.54 21.53
N ALA D 97 15.66 9.22 20.75
CA ALA D 97 15.94 10.65 20.87
C ALA D 97 14.68 11.52 20.71
N SER D 98 14.49 12.43 21.65
CA SER D 98 13.34 13.35 21.73
C SER D 98 13.48 14.58 20.83
N SER D 99 12.34 15.05 20.30
CA SER D 99 12.26 16.26 19.46
C SER D 99 12.79 17.50 20.21
N ILE D 100 12.45 17.61 21.50
CA ILE D 100 12.87 18.67 22.41
C ILE D 100 14.41 18.68 22.53
N ASP D 101 15.03 17.49 22.72
CA ASP D 101 16.47 17.34 22.87
C ASP D 101 17.25 17.76 21.61
N VAL D 102 16.74 17.47 20.38
CA VAL D 102 17.44 17.89 19.16
C VAL D 102 17.38 19.40 19.05
N ILE D 103 16.21 20.02 19.38
CA ILE D 103 16.05 21.48 19.37
C ILE D 103 16.99 22.13 20.40
N LEU D 104 17.03 21.61 21.64
CA LEU D 104 17.89 22.14 22.71
C LEU D 104 19.34 22.04 22.32
N HIS D 105 19.73 20.94 21.63
CA HIS D 105 21.10 20.77 21.15
C HIS D 105 21.42 21.86 20.13
N ALA D 106 20.50 22.10 19.16
CA ALA D 106 20.70 23.12 18.13
C ALA D 106 20.78 24.49 18.75
N ILE D 107 19.94 24.79 19.76
CA ILE D 107 19.97 26.08 20.49
C ILE D 107 21.36 26.25 21.16
N SER D 108 21.84 25.19 21.83
CA SER D 108 23.15 25.16 22.48
C SER D 108 24.28 25.38 21.47
N TRP D 109 24.26 24.63 20.33
CA TRP D 109 25.22 24.77 19.23
C TRP D 109 25.24 26.23 18.75
N LEU D 110 24.05 26.80 18.43
CA LEU D 110 23.92 28.19 17.94
C LEU D 110 24.50 29.22 18.90
N GLU D 111 24.24 29.04 20.22
CA GLU D 111 24.72 29.95 21.25
C GLU D 111 26.25 29.91 21.39
N GLN D 112 26.87 28.75 21.13
CA GLN D 112 28.33 28.59 21.20
C GLN D 112 29.06 28.90 19.89
N LYS D 113 28.53 28.42 18.74
CA LYS D 113 29.15 28.52 17.41
C LYS D 113 28.70 29.69 16.54
N GLU D 114 27.50 30.21 16.70
CA GLU D 114 27.13 31.36 15.88
C GLU D 114 27.30 32.64 16.69
N VAL D 115 27.69 33.71 16.01
CA VAL D 115 27.98 35.00 16.63
C VAL D 115 26.70 35.81 16.86
N GLN D 116 25.72 35.71 15.94
CA GLN D 116 24.44 36.40 16.01
C GLN D 116 23.44 35.71 16.93
N LYS D 117 22.60 36.50 17.61
CA LYS D 117 21.55 36.05 18.52
C LYS D 117 20.22 36.19 17.78
N TYR D 118 19.40 35.14 17.80
CA TYR D 118 18.11 35.10 17.12
C TYR D 118 16.97 35.15 18.09
N GLU D 119 15.90 35.82 17.71
CA GLU D 119 14.71 35.89 18.55
C GLU D 119 13.97 34.55 18.39
N GLY D 120 13.55 34.28 17.16
CA GLY D 120 12.77 33.10 16.82
C GLY D 120 13.48 32.05 16.01
N MET D 121 13.00 30.81 16.17
CA MET D 121 13.49 29.66 15.43
C MET D 121 12.34 29.19 14.59
N ILE D 122 12.66 28.85 13.33
CA ILE D 122 11.71 28.33 12.37
C ILE D 122 12.16 26.90 12.08
N LEU D 123 11.50 25.95 12.74
CA LEU D 123 11.73 24.51 12.55
C LEU D 123 10.97 24.08 11.28
N LEU D 124 11.71 23.52 10.35
CA LEU D 124 11.22 23.09 9.02
C LEU D 124 11.75 21.69 8.74
N GLN D 125 10.85 20.70 8.68
CA GLN D 125 11.14 19.29 8.45
C GLN D 125 11.41 19.02 6.97
N PRO D 126 12.45 18.23 6.64
CA PRO D 126 12.76 17.94 5.21
C PRO D 126 11.72 17.11 4.50
N THR D 127 10.80 16.52 5.27
CA THR D 127 9.74 15.65 4.77
C THR D 127 8.52 16.43 4.27
N SER D 128 8.60 17.79 4.24
CA SER D 128 7.54 18.69 3.76
C SER D 128 8.02 19.47 2.52
N PRO D 129 8.27 18.80 1.37
CA PRO D 129 8.81 19.51 0.20
C PRO D 129 7.83 20.46 -0.52
N LEU D 130 6.53 20.33 -0.30
CA LEU D 130 5.55 21.21 -0.95
C LEU D 130 5.32 22.52 -0.15
N ARG D 131 6.02 22.70 1.00
CA ARG D 131 5.94 23.92 1.81
C ARG D 131 7.07 24.85 1.32
N THR D 132 6.65 25.98 0.73
CA THR D 132 7.54 26.94 0.07
C THR D 132 7.94 28.14 0.93
N SER D 133 8.83 29.00 0.35
CA SER D 133 9.28 30.26 0.93
C SER D 133 8.08 31.15 1.24
N HIS D 134 7.06 31.14 0.36
CA HIS D 134 5.83 31.91 0.52
C HIS D 134 5.09 31.48 1.78
N HIS D 135 5.01 30.16 2.03
CA HIS D 135 4.36 29.60 3.23
C HIS D 135 5.10 30.03 4.48
N ILE D 136 6.45 30.02 4.47
CA ILE D 136 7.29 30.43 5.59
C ILE D 136 7.08 31.91 5.89
N LYS D 137 7.10 32.74 4.85
CA LYS D 137 6.88 34.18 4.91
C LYS D 137 5.56 34.48 5.59
N GLU D 138 4.47 33.86 5.12
CA GLU D 138 3.13 34.03 5.66
C GLU D 138 3.00 33.56 7.13
N ALA D 139 3.69 32.47 7.50
CA ALA D 139 3.67 31.93 8.86
C ALA D 139 4.37 32.91 9.79
N ILE D 140 5.48 33.53 9.33
CA ILE D 140 6.22 34.50 10.15
C ILE D 140 5.39 35.80 10.28
N GLU D 141 4.71 36.20 9.20
CA GLU D 141 3.85 37.38 9.23
C GLU D 141 2.74 37.22 10.24
N LEU D 142 2.10 36.02 10.28
CA LEU D 142 1.04 35.67 11.22
C LEU D 142 1.60 35.70 12.63
N TYR D 143 2.81 35.13 12.83
CA TYR D 143 3.55 35.10 14.09
C TYR D 143 3.72 36.52 14.66
N GLU D 144 4.15 37.46 13.81
CA GLU D 144 4.34 38.85 14.20
C GLU D 144 3.02 39.61 14.43
N LYS D 145 2.08 39.50 13.47
CA LYS D 145 0.77 40.17 13.52
C LYS D 145 -0.05 39.84 14.77
N THR D 146 -0.05 38.57 15.19
CA THR D 146 -0.84 38.07 16.32
C THR D 146 -0.10 38.15 17.64
N ALA D 147 1.22 38.49 17.63
CA ALA D 147 2.09 38.51 18.83
C ALA D 147 2.02 37.09 19.49
N ALA D 148 2.03 36.06 18.63
CA ALA D 148 1.98 34.66 18.99
C ALA D 148 3.24 34.24 19.73
N LYS D 149 3.09 33.22 20.58
CA LYS D 149 4.22 32.61 21.26
C LYS D 149 4.70 31.48 20.37
N PHE D 150 3.75 30.97 19.55
CA PHE D 150 3.97 29.82 18.70
C PHE D 150 3.03 29.83 17.51
N VAL D 151 3.59 29.58 16.33
CA VAL D 151 2.85 29.41 15.08
C VAL D 151 3.18 28.04 14.51
N ILE D 152 2.13 27.27 14.26
CA ILE D 152 2.30 25.93 13.73
C ILE D 152 1.51 25.77 12.43
N SER D 153 2.15 25.25 11.37
CA SER D 153 1.44 25.01 10.11
C SER D 153 0.55 23.78 10.28
N VAL D 154 -0.71 23.92 9.88
CA VAL D 154 -1.73 22.91 10.02
C VAL D 154 -2.63 22.83 8.77
N PHE D 155 -3.48 21.80 8.72
CA PHE D 155 -4.50 21.65 7.69
C PHE D 155 -5.78 21.13 8.32
N GLU D 156 -6.92 21.36 7.65
CA GLU D 156 -8.23 20.84 8.05
C GLU D 156 -8.40 19.52 7.33
N PRO D 157 -8.39 18.36 8.02
CA PRO D 157 -8.53 17.08 7.30
C PRO D 157 -9.93 16.94 6.70
N THR D 158 -10.06 16.15 5.60
CA THR D 158 -11.34 15.90 4.93
C THR D 158 -12.36 15.37 5.95
N HIS D 159 -11.92 14.41 6.80
CA HIS D 159 -12.72 13.87 7.90
C HIS D 159 -12.25 14.64 9.15
N THR D 160 -13.04 15.63 9.57
CA THR D 160 -12.67 16.50 10.69
C THR D 160 -12.64 15.78 12.06
N PRO D 161 -11.54 15.99 12.82
CA PRO D 161 -11.42 15.40 14.16
C PRO D 161 -12.49 15.78 15.17
N ILE D 162 -13.22 16.89 14.95
CA ILE D 162 -14.29 17.36 15.85
C ILE D 162 -15.50 16.41 15.77
N LYS D 163 -15.57 15.60 14.69
CA LYS D 163 -16.65 14.63 14.49
C LYS D 163 -16.23 13.21 14.88
N SER D 164 -15.04 13.05 15.49
CA SER D 164 -14.52 11.75 15.90
C SER D 164 -15.12 11.22 17.18
N TYR D 165 -14.86 9.94 17.44
CA TYR D 165 -15.30 9.21 18.61
C TYR D 165 -14.13 8.80 19.44
N LEU D 166 -14.32 8.66 20.74
CA LEU D 166 -13.27 8.07 21.53
C LEU D 166 -13.79 6.75 22.11
N GLU D 167 -12.91 5.76 22.19
CA GLU D 167 -13.23 4.44 22.67
C GLU D 167 -13.29 4.39 24.20
N ASN D 168 -14.44 3.93 24.75
CA ASN D 168 -14.67 3.75 26.18
C ASN D 168 -14.07 2.39 26.58
N ASP D 169 -13.93 2.13 27.90
CA ASP D 169 -13.33 0.90 28.43
C ASP D 169 -14.12 -0.37 28.09
N ASP D 170 -15.46 -0.27 27.98
CA ASP D 170 -16.32 -1.41 27.67
C ASP D 170 -16.35 -1.78 26.17
N GLY D 171 -15.55 -1.06 25.36
CA GLY D 171 -15.49 -1.28 23.92
C GLY D 171 -16.39 -0.39 23.10
N THR D 172 -17.36 0.30 23.77
CA THR D 172 -18.26 1.23 23.08
C THR D 172 -17.51 2.53 22.70
N ILE D 173 -18.18 3.38 21.94
CA ILE D 173 -17.63 4.65 21.50
C ILE D 173 -18.61 5.77 21.80
N SER D 174 -18.06 6.96 22.01
CA SER D 174 -18.79 8.19 22.32
C SER D 174 -18.07 9.34 21.64
N GLY D 175 -18.79 10.39 21.24
CA GLY D 175 -18.22 11.56 20.59
C GLY D 175 -17.09 12.15 21.40
N LEU D 176 -15.97 12.52 20.75
CA LEU D 176 -14.82 13.09 21.44
C LEU D 176 -15.15 14.52 21.93
N TYR D 177 -15.72 15.35 21.04
CA TYR D 177 -16.09 16.75 21.30
C TYR D 177 -17.37 16.86 22.11
N SER D 178 -18.47 16.28 21.60
CA SER D 178 -19.78 16.22 22.26
C SER D 178 -20.53 14.99 21.72
N ASN D 179 -21.66 14.62 22.35
CA ASN D 179 -22.49 13.47 21.92
C ASN D 179 -23.13 13.70 20.55
N GLU D 180 -23.40 14.98 20.18
CA GLU D 180 -24.09 15.33 18.93
C GLU D 180 -23.15 15.76 17.83
N ALA D 181 -21.88 16.11 18.19
CA ALA D 181 -20.87 16.53 17.22
C ALA D 181 -20.70 15.58 16.01
N PRO D 182 -20.62 14.22 16.17
CA PRO D 182 -20.42 13.36 15.00
C PRO D 182 -21.57 13.33 13.99
N TYR D 183 -22.71 13.92 14.35
CA TYR D 183 -23.93 13.95 13.52
C TYR D 183 -24.28 15.34 13.04
N GLN D 184 -23.49 16.36 13.48
CA GLN D 184 -23.67 17.76 13.11
C GLN D 184 -22.88 18.11 11.88
N ARG D 185 -23.30 19.18 11.19
CA ARG D 185 -22.61 19.69 10.02
C ARG D 185 -21.29 20.31 10.49
N ARG D 186 -20.22 20.04 9.76
CA ARG D 186 -18.89 20.56 9.97
C ARG D 186 -18.91 22.12 10.06
N GLN D 187 -19.75 22.79 9.23
CA GLN D 187 -19.92 24.24 9.19
C GLN D 187 -20.62 24.85 10.44
N ASP D 188 -21.22 23.99 11.31
CA ASP D 188 -21.88 24.40 12.56
C ASP D 188 -21.04 24.04 13.81
N LEU D 189 -19.80 23.58 13.60
CA LEU D 189 -18.90 23.21 14.70
C LEU D 189 -17.61 24.01 14.63
N PRO D 190 -16.90 24.24 15.76
CA PRO D 190 -15.57 24.89 15.67
C PRO D 190 -14.62 24.10 14.74
N ARG D 191 -13.63 24.77 14.13
CA ARG D 191 -12.68 24.08 13.27
C ARG D 191 -11.68 23.28 14.08
N ALA D 192 -11.35 22.11 13.60
CA ALA D 192 -10.29 21.28 14.16
C ALA D 192 -9.18 21.19 13.13
N TYR D 193 -7.93 21.19 13.60
CA TYR D 193 -6.73 21.22 12.75
C TYR D 193 -5.78 20.12 13.11
N GLN D 194 -5.06 19.64 12.10
CA GLN D 194 -4.03 18.65 12.26
C GLN D 194 -2.70 19.29 11.87
N PRO D 195 -1.66 19.22 12.71
CA PRO D 195 -0.36 19.78 12.30
C PRO D 195 0.19 18.99 11.11
N ASN D 196 0.82 19.66 10.14
CA ASN D 196 1.38 18.94 9.00
C ASN D 196 2.91 18.77 9.09
N GLY D 197 3.51 19.24 10.17
CA GLY D 197 4.96 19.14 10.42
C GLY D 197 5.87 20.07 9.62
N ALA D 198 5.30 20.89 8.72
CA ALA D 198 6.11 21.75 7.83
C ALA D 198 6.78 22.95 8.50
N ILE D 199 6.07 23.65 9.42
CA ILE D 199 6.58 24.87 10.10
C ILE D 199 6.19 24.92 11.58
N TYR D 200 7.17 25.22 12.42
CA TYR D 200 7.05 25.46 13.87
C TYR D 200 7.85 26.75 14.10
N ALA D 201 7.15 27.87 14.32
CA ALA D 201 7.76 29.18 14.56
C ALA D 201 7.53 29.54 16.03
N PHE D 202 8.62 29.63 16.80
CA PHE D 202 8.53 29.89 18.24
C PHE D 202 9.72 30.76 18.75
N SER D 203 9.64 31.27 20.00
CA SER D 203 10.75 32.02 20.60
C SER D 203 11.81 31.09 21.17
N ILE D 204 13.08 31.38 20.88
CA ILE D 204 14.21 30.58 21.38
C ILE D 204 14.33 30.67 22.92
N ASP D 205 14.45 31.90 23.49
CA ASP D 205 14.56 32.16 24.92
C ASP D 205 13.46 31.47 25.72
N GLU D 206 12.22 31.61 25.24
CA GLU D 206 11.05 31.03 25.84
C GLU D 206 11.11 29.49 25.77
N PHE D 207 11.56 28.92 24.63
CA PHE D 207 11.66 27.46 24.51
C PHE D 207 12.70 26.94 25.48
N LYS D 208 13.83 27.66 25.66
CA LYS D 208 14.85 27.18 26.59
C LYS D 208 14.37 27.31 28.05
N LEU D 209 13.50 28.31 28.31
CA LEU D 209 12.93 28.53 29.64
C LEU D 209 11.97 27.38 30.02
N ASN D 210 11.06 27.00 29.09
CA ASN D 210 10.05 25.96 29.28
C ASN D 210 10.50 24.54 29.02
N ASN D 211 11.53 24.35 28.18
CA ASN D 211 12.04 23.04 27.73
C ASN D 211 10.94 22.28 26.95
N HIS D 212 10.01 23.05 26.33
CA HIS D 212 8.91 22.57 25.51
C HIS D 212 8.32 23.71 24.71
N PHE D 213 7.48 23.35 23.74
CA PHE D 213 6.79 24.30 22.90
C PHE D 213 5.73 25.06 23.70
N PRO D 214 5.51 26.33 23.40
CA PRO D 214 4.46 27.09 24.13
C PRO D 214 3.09 26.40 24.14
N ARG D 215 2.39 26.53 25.27
CA ARG D 215 1.07 25.95 25.50
C ARG D 215 -0.10 26.93 25.28
N ASN D 216 0.19 28.25 25.19
CA ASN D 216 -0.80 29.33 24.95
C ASN D 216 -0.27 30.32 23.91
N LYS D 217 -1.17 31.16 23.37
CA LYS D 217 -0.89 32.13 22.30
C LYS D 217 -0.35 31.39 21.07
N VAL D 218 -0.97 30.24 20.80
CA VAL D 218 -0.61 29.35 19.70
C VAL D 218 -1.59 29.63 18.58
N PHE D 219 -1.08 30.04 17.44
CA PHE D 219 -1.91 30.38 16.29
C PHE D 219 -1.65 29.44 15.12
N PRO D 220 -2.70 29.05 14.38
CA PRO D 220 -2.48 28.11 13.28
C PRO D 220 -2.20 28.81 11.95
N TYR D 221 -1.19 28.34 11.23
CA TYR D 221 -0.97 28.82 9.86
C TYR D 221 -1.58 27.73 8.98
N VAL D 222 -2.77 27.99 8.44
CA VAL D 222 -3.55 27.02 7.67
C VAL D 222 -3.05 26.88 6.24
N MET D 223 -2.78 25.62 5.87
CA MET D 223 -2.32 25.17 4.54
C MET D 223 -3.33 24.15 4.06
N SER D 224 -3.38 23.88 2.75
CA SER D 224 -4.34 22.89 2.24
C SER D 224 -3.78 21.51 2.49
N GLU D 225 -4.62 20.47 2.36
CA GLU D 225 -4.23 19.05 2.53
C GLU D 225 -3.18 18.69 1.46
N VAL D 226 -3.36 19.19 0.22
CA VAL D 226 -2.45 18.98 -0.92
C VAL D 226 -1.03 19.50 -0.61
N GLU D 227 -0.91 20.76 -0.11
CA GLU D 227 0.33 21.42 0.33
C GLU D 227 0.92 20.79 1.63
N SER D 228 0.09 20.01 2.36
CA SER D 228 0.45 19.36 3.62
C SER D 228 1.12 17.99 3.48
N ALA D 229 1.42 17.56 2.25
CA ALA D 229 2.05 16.27 1.98
C ALA D 229 3.35 16.04 2.78
N ASP D 230 3.41 14.90 3.48
CA ASP D 230 4.51 14.47 4.33
C ASP D 230 5.13 13.23 3.69
N ILE D 231 6.44 13.28 3.41
CA ILE D 231 7.16 12.19 2.78
C ILE D 231 7.94 11.38 3.82
N ASP D 232 7.22 10.43 4.43
CA ASP D 232 7.65 9.45 5.44
C ASP D 232 8.22 8.19 4.73
N THR D 233 7.57 7.76 3.61
CA THR D 233 7.83 6.53 2.85
C THR D 233 7.97 6.76 1.34
N LEU D 234 8.50 5.74 0.60
CA LEU D 234 8.64 5.76 -0.86
C LEU D 234 7.26 5.94 -1.53
N GLU D 235 6.22 5.38 -0.90
CA GLU D 235 4.81 5.49 -1.28
C GLU D 235 4.36 6.96 -1.23
N ASP D 236 4.87 7.77 -0.25
CA ASP D 236 4.58 9.19 -0.13
C ASP D 236 5.33 9.96 -1.24
N LEU D 237 6.64 9.71 -1.40
CA LEU D 237 7.49 10.29 -2.46
C LEU D 237 6.85 10.08 -3.83
N ARG D 238 6.23 8.89 -4.07
CA ARG D 238 5.58 8.55 -5.33
C ARG D 238 4.25 9.31 -5.51
N LYS D 239 3.58 9.70 -4.40
CA LYS D 239 2.35 10.52 -4.44
C LYS D 239 2.68 11.98 -4.80
N VAL D 240 3.79 12.53 -4.26
CA VAL D 240 4.25 13.90 -4.54
C VAL D 240 4.70 13.97 -6.00
N GLU D 241 5.38 12.92 -6.54
CA GLU D 241 5.80 12.84 -7.94
C GLU D 241 4.58 12.75 -8.86
N GLU D 242 3.50 12.09 -8.39
CA GLU D 242 2.24 11.98 -9.12
C GLU D 242 1.47 13.33 -9.10
N GLN D 243 1.96 14.29 -8.29
CA GLN D 243 1.44 15.65 -8.20
C GLN D 243 2.34 16.59 -9.08
N LEU D 244 2.62 16.12 -10.33
CA LEU D 244 3.37 16.79 -11.40
C LEU D 244 2.60 16.60 -12.72
N LYS D 245 1.26 16.47 -12.61
CA LYS D 245 0.32 16.29 -13.72
C LYS D 245 -0.28 17.61 -14.22
#